data_5FW4
#
_entry.id   5FW4
#
_cell.length_a   143.360
_cell.length_b   110.210
_cell.length_c   46.730
_cell.angle_alpha   90.00
_cell.angle_beta   90.00
_cell.angle_gamma   90.00
#
_symmetry.space_group_name_H-M   'P 21 21 2'
#
loop_
_entity.id
_entity.type
_entity.pdbx_description
1 polymer 'DYE-DECOLORIZING PEROXIDASE TFU_3078'
2 non-polymer 'PROTOPORPHYRIN IX CONTAINING FE'
3 non-polymer 'OXYGEN MOLECULE'
4 water water
#
_entity_poly.entity_id   1
_entity_poly.type   'polypeptide(L)'
_entity_poly.pdbx_seq_one_letter_code
;MTEPDTERKGSSRRGFLAGLGAAALTGAGIGMAAGEVLRPLLPDSDPAASPKAEQRLRMAAQRADATAAPQPGISGPAPA
FVHVIALDLAEEARKNPDTARDSAAAALRSWTELAARLHEESPHDIAEGAASAGLLPASLMVTVGIGGSLLSAIDAEDRR
PDALADLPEFSTDDLHPRWCGGDFMLQVGAEDPMVLTAAVEELVAAAADATAVRWSLRGFRRTAAAARDPDATPRNLMGQ
IDGTANPAQDHPLFDRTITARPADNPAHAWMDGGSYLVVRRIRMLLTEWRKLDVAARERVIGRRLDTGAPLGSRNETDPV
VLSARDEEGEPLIPENAHVRLASPENNLGARMFRRGYSYDQGWRDDGVRDAGLLFMAWQGDPATGFIPVQRSLADQGDAL
NRYIRHEGSALFAVPAAREGRYLGQDLIEG
;
_entity_poly.pdbx_strand_id   A,B
#
loop_
_chem_comp.id
_chem_comp.type
_chem_comp.name
_chem_comp.formula
HEM non-polymer 'PROTOPORPHYRIN IX CONTAINING FE' 'C34 H32 Fe N4 O4'
OXY non-polymer 'OXYGEN MOLECULE' O2
#
# COMPACT_ATOMS: atom_id res chain seq x y z
N ALA A 49 -9.68 10.23 -42.96
CA ALA A 49 -9.84 9.64 -41.62
C ALA A 49 -9.17 8.26 -41.55
N SER A 50 -8.99 7.77 -40.33
CA SER A 50 -8.49 6.44 -40.06
C SER A 50 -8.46 6.27 -38.54
N PRO A 51 -8.44 5.02 -38.05
CA PRO A 51 -8.23 4.77 -36.65
C PRO A 51 -7.00 5.43 -36.08
N LYS A 52 -5.86 5.28 -36.74
CA LYS A 52 -4.66 5.95 -36.28
C LYS A 52 -4.85 7.47 -36.17
N ALA A 53 -5.48 8.09 -37.17
CA ALA A 53 -5.71 9.53 -37.09
C ALA A 53 -6.55 9.89 -35.87
N GLU A 54 -7.64 9.18 -35.60
CA GLU A 54 -8.44 9.46 -34.40
C GLU A 54 -7.58 9.31 -33.13
N GLN A 55 -6.68 8.32 -33.16
CA GLN A 55 -5.78 8.06 -32.08
C GLN A 55 -4.75 9.19 -31.89
N ARG A 56 -4.24 9.76 -32.99
CA ARG A 56 -3.33 10.88 -32.97
C ARG A 56 -3.99 12.13 -32.31
N LEU A 57 -5.30 12.24 -32.42
CA LEU A 57 -6.03 13.44 -31.87
C LEU A 57 -6.50 13.32 -30.43
N ARG A 58 -6.43 12.12 -29.87
CA ARG A 58 -7.11 11.84 -28.60
C ARG A 58 -6.54 12.61 -27.41
N MET A 59 -5.22 12.69 -27.33
CA MET A 59 -4.56 13.38 -26.22
C MET A 59 -4.95 14.85 -26.19
N ALA A 60 -4.97 15.52 -27.35
CA ALA A 60 -5.48 16.91 -27.42
C ALA A 60 -6.98 17.05 -27.11
N ALA A 61 -7.77 16.05 -27.45
CA ALA A 61 -9.23 16.15 -27.40
C ALA A 61 -9.80 15.86 -26.01
N GLN A 62 -9.15 15.00 -25.24
CA GLN A 62 -9.77 14.54 -23.99
C GLN A 62 -9.32 15.29 -22.74
N ARG A 63 -10.19 15.28 -21.71
CA ARG A 63 -9.78 15.67 -20.38
C ARG A 63 -8.93 14.48 -19.87
N ALA A 64 -8.11 14.73 -18.86
CA ALA A 64 -7.35 13.69 -18.16
C ALA A 64 -8.23 12.97 -17.12
N ASP A 65 -7.75 11.85 -16.61
CA ASP A 65 -8.37 11.20 -15.45
C ASP A 65 -8.02 11.91 -14.11
N ALA A 66 -8.98 12.69 -13.62
CA ALA A 66 -8.83 13.42 -12.36
C ALA A 66 -8.83 12.52 -11.12
N THR A 67 -9.20 11.25 -11.27
CA THR A 67 -9.27 10.31 -10.14
C THR A 67 -8.03 9.46 -9.94
N ALA A 68 -7.10 9.44 -10.91
CA ALA A 68 -5.88 8.64 -10.74
C ALA A 68 -5.12 9.03 -9.46
N ALA A 69 -4.56 8.02 -8.83
CA ALA A 69 -3.92 8.16 -7.54
C ALA A 69 -2.44 7.83 -7.69
N PRO A 70 -1.61 8.34 -6.76
CA PRO A 70 -2.00 9.21 -5.64
C PRO A 70 -2.56 10.54 -6.11
N GLN A 71 -2.04 11.00 -7.23
CA GLN A 71 -2.46 12.23 -7.88
C GLN A 71 -2.34 12.09 -9.41
N PRO A 72 -3.03 12.97 -10.14
CA PRO A 72 -2.78 13.03 -11.57
C PRO A 72 -1.33 13.37 -11.87
N GLY A 73 -0.90 13.05 -13.09
CA GLY A 73 0.47 13.35 -13.55
C GLY A 73 1.46 12.23 -13.32
N ILE A 74 0.97 11.05 -12.96
CA ILE A 74 1.87 9.90 -12.80
C ILE A 74 1.50 8.72 -13.72
N SER A 75 0.33 8.11 -13.48
CA SER A 75 -0.19 7.08 -14.38
C SER A 75 -0.98 7.70 -15.54
N GLY A 76 -1.44 6.82 -16.43
CA GLY A 76 -2.22 7.17 -17.60
C GLY A 76 -1.30 7.65 -18.72
N PRO A 77 -1.88 7.99 -19.87
CA PRO A 77 -1.05 8.50 -20.94
C PRO A 77 -0.44 9.86 -20.57
N ALA A 78 0.83 10.02 -20.92
CA ALA A 78 1.61 11.19 -20.58
C ALA A 78 1.39 12.26 -21.64
N PRO A 79 0.90 13.47 -21.26
CA PRO A 79 0.82 14.49 -22.30
C PRO A 79 2.20 14.94 -22.83
N ALA A 80 2.23 15.37 -24.08
CA ALA A 80 3.40 15.90 -24.73
C ALA A 80 4.21 17.03 -24.04
N PHE A 81 3.52 17.94 -23.28
CA PHE A 81 4.20 19.05 -22.59
C PHE A 81 4.08 19.03 -21.06
N VAL A 82 5.11 19.56 -20.42
CA VAL A 82 5.20 19.60 -18.99
C VAL A 82 5.87 20.89 -18.61
N HIS A 83 5.47 21.39 -17.45
CA HIS A 83 6.13 22.50 -16.81
C HIS A 83 6.31 22.06 -15.36
N VAL A 84 7.58 21.96 -14.95
CA VAL A 84 7.91 21.61 -13.57
C VAL A 84 8.38 22.88 -12.92
N ILE A 85 7.67 23.25 -11.84
CA ILE A 85 7.87 24.52 -11.13
C ILE A 85 8.10 24.22 -9.64
N ALA A 86 9.25 24.65 -9.14
CA ALA A 86 9.62 24.57 -7.74
C ALA A 86 9.39 25.94 -7.15
N LEU A 87 8.70 25.95 -6.02
CA LEU A 87 8.41 27.16 -5.30
C LEU A 87 8.76 27.07 -3.81
N ASP A 88 9.08 28.21 -3.20
CA ASP A 88 9.34 28.34 -1.79
C ASP A 88 8.23 29.19 -1.22
N LEU A 89 7.97 29.00 0.07
CA LEU A 89 7.14 29.98 0.81
C LEU A 89 7.78 31.35 0.63
N ALA A 90 6.95 32.41 0.53
CA ALA A 90 7.47 33.75 0.40
C ALA A 90 8.45 34.06 1.54
N GLU A 91 9.45 34.87 1.22
CA GLU A 91 10.55 35.21 2.11
C GLU A 91 10.16 35.61 3.55
N GLU A 92 9.22 36.56 3.67
CA GLU A 92 8.80 37.05 4.97
C GLU A 92 8.03 35.97 5.75
N ALA A 93 7.04 35.35 5.13
CA ALA A 93 6.26 34.29 5.79
C ALA A 93 7.15 33.16 6.28
N ARG A 94 8.14 32.81 5.46
CA ARG A 94 9.02 31.68 5.69
C ARG A 94 9.91 31.81 6.93
N LYS A 95 10.12 33.05 7.37
CA LYS A 95 11.01 33.36 8.49
C LYS A 95 10.62 32.67 9.79
N ASN A 96 9.32 32.43 9.99
CA ASN A 96 8.78 31.94 11.28
C ASN A 96 7.77 30.82 11.08
N PRO A 97 7.91 29.70 11.82
CA PRO A 97 7.06 28.51 11.65
C PRO A 97 5.58 28.82 11.54
N ASP A 98 5.10 29.76 12.34
CA ASP A 98 3.69 30.05 12.41
C ASP A 98 3.12 30.69 11.14
N THR A 99 3.74 31.78 10.67
CA THR A 99 3.37 32.35 9.38
C THR A 99 3.74 31.40 8.22
N ALA A 100 4.81 30.64 8.38
CA ALA A 100 5.22 29.66 7.36
C ALA A 100 4.06 28.67 7.18
N ARG A 101 3.61 28.10 8.28
CA ARG A 101 2.56 27.09 8.26
C ARG A 101 1.21 27.65 7.76
N ASP A 102 0.88 28.90 8.09
CA ASP A 102 -0.32 29.54 7.55
C ASP A 102 -0.24 29.71 6.03
N SER A 103 0.90 30.20 5.54
CA SER A 103 1.09 30.38 4.09
C SER A 103 1.09 29.03 3.34
N ALA A 104 1.67 28.00 3.93
CA ALA A 104 1.62 26.65 3.36
C ALA A 104 0.17 26.13 3.26
N ALA A 105 -0.62 26.36 4.31
CA ALA A 105 -2.01 25.94 4.31
C ALA A 105 -2.76 26.61 3.17
N ALA A 106 -2.54 27.91 3.01
CA ALA A 106 -3.20 28.69 1.96
C ALA A 106 -2.77 28.16 0.59
N ALA A 107 -1.45 28.09 0.37
CA ALA A 107 -0.90 27.63 -0.92
C ALA A 107 -1.51 26.32 -1.25
N LEU A 108 -1.46 25.36 -0.33
CA LEU A 108 -1.84 23.97 -0.64
C LEU A 108 -3.35 23.85 -0.87
N ARG A 109 -4.15 24.56 -0.07
CA ARG A 109 -5.58 24.61 -0.33
C ARG A 109 -5.90 25.21 -1.69
N SER A 110 -5.31 26.34 -2.04
CA SER A 110 -5.66 27.01 -3.29
C SER A 110 -5.32 26.10 -4.46
N TRP A 111 -4.14 25.50 -4.35
CA TRP A 111 -3.71 24.63 -5.44
C TRP A 111 -4.60 23.42 -5.57
N THR A 112 -4.90 22.77 -4.47
CA THR A 112 -5.76 21.60 -4.49
C THR A 112 -7.09 21.93 -5.14
N GLU A 113 -7.68 23.04 -4.72
CA GLU A 113 -8.99 23.41 -5.20
C GLU A 113 -8.95 23.79 -6.67
N LEU A 114 -7.88 24.46 -7.09
CA LEU A 114 -7.75 24.82 -8.48
C LEU A 114 -7.38 23.60 -9.34
N ALA A 115 -6.50 22.72 -8.87
CA ALA A 115 -6.27 21.46 -9.61
C ALA A 115 -7.60 20.69 -9.82
N ALA A 116 -8.48 20.72 -8.82
CA ALA A 116 -9.81 20.10 -8.95
C ALA A 116 -10.57 20.69 -10.14
N ARG A 117 -10.63 22.01 -10.23
CA ARG A 117 -11.37 22.65 -11.27
C ARG A 117 -10.77 22.38 -12.61
N LEU A 118 -9.42 22.42 -12.67
CA LEU A 118 -8.68 22.31 -13.93
C LEU A 118 -8.75 20.92 -14.53
N HIS A 119 -9.12 19.95 -13.71
CA HIS A 119 -9.29 18.60 -14.20
C HIS A 119 -10.65 18.39 -14.84
N GLU A 120 -11.63 19.19 -14.46
CA GLU A 120 -12.97 19.09 -15.02
C GLU A 120 -13.27 20.23 -15.98
N GLU A 121 -12.53 21.34 -15.87
CA GLU A 121 -12.68 22.48 -16.76
C GLU A 121 -11.33 22.96 -17.27
N SER A 122 -11.37 23.72 -18.35
CA SER A 122 -10.18 24.29 -18.94
C SER A 122 -9.91 25.68 -18.36
N PRO A 123 -8.66 26.15 -18.48
CA PRO A 123 -8.37 27.46 -17.92
C PRO A 123 -9.33 28.54 -18.38
N HIS A 124 -9.78 28.48 -19.64
CA HIS A 124 -10.64 29.51 -20.20
C HIS A 124 -12.08 29.38 -19.73
N ASP A 125 -12.44 28.24 -19.13
CA ASP A 125 -13.72 28.13 -18.39
C ASP A 125 -13.63 28.78 -17.01
N ILE A 126 -12.43 28.78 -16.44
CA ILE A 126 -12.19 29.33 -15.08
C ILE A 126 -12.11 30.87 -15.04
N ALA A 127 -11.70 31.45 -16.16
CA ALA A 127 -11.46 32.89 -16.20
C ALA A 127 -11.61 33.38 -17.61
N GLU A 128 -12.17 34.58 -17.74
CA GLU A 128 -12.26 35.26 -19.03
C GLU A 128 -10.87 35.66 -19.49
N GLY A 129 -10.70 35.77 -20.81
CA GLY A 129 -9.49 36.36 -21.37
C GLY A 129 -8.27 35.45 -21.26
N ALA A 130 -8.45 34.17 -21.01
CA ALA A 130 -7.28 33.26 -20.93
C ALA A 130 -6.69 32.98 -22.28
N ALA A 131 -5.41 32.56 -22.27
CA ALA A 131 -4.65 32.41 -23.49
C ALA A 131 -5.15 31.21 -24.27
N SER A 132 -5.81 30.33 -23.56
CA SER A 132 -6.26 29.04 -24.10
C SER A 132 -7.67 29.03 -24.64
N ALA A 133 -8.35 30.21 -24.66
CA ALA A 133 -9.69 30.20 -25.16
C ALA A 133 -9.70 29.62 -26.59
N GLY A 134 -10.70 28.78 -26.85
CA GLY A 134 -10.99 28.25 -28.15
C GLY A 134 -10.21 26.93 -28.32
N LEU A 135 -9.59 26.44 -27.26
CA LEU A 135 -8.79 25.19 -27.38
C LEU A 135 -9.48 24.01 -26.67
N LEU A 136 -9.13 22.79 -27.09
CA LEU A 136 -9.67 21.54 -26.52
C LEU A 136 -8.99 21.27 -25.17
N PRO A 137 -9.48 20.28 -24.41
CA PRO A 137 -8.97 20.15 -23.05
C PRO A 137 -7.50 19.74 -22.90
N ALA A 138 -7.01 19.00 -23.89
CA ALA A 138 -5.58 18.63 -24.03
C ALA A 138 -5.01 17.94 -22.83
N SER A 139 -5.77 17.03 -22.24
CA SER A 139 -5.30 16.21 -21.16
C SER A 139 -4.67 16.98 -20.01
N LEU A 140 -5.23 18.15 -19.64
CA LEU A 140 -4.60 18.92 -18.59
C LEU A 140 -4.63 18.19 -17.25
N MET A 141 -3.47 18.20 -16.58
CA MET A 141 -3.29 17.52 -15.33
C MET A 141 -2.31 18.28 -14.46
N VAL A 142 -2.56 18.20 -13.17
CA VAL A 142 -1.87 18.96 -12.18
C VAL A 142 -1.48 18.04 -11.03
N THR A 143 -0.23 18.17 -10.62
CA THR A 143 0.33 17.44 -9.51
C THR A 143 0.97 18.42 -8.54
N VAL A 144 0.76 18.19 -7.25
CA VAL A 144 1.31 19.05 -6.21
C VAL A 144 2.18 18.24 -5.28
N GLY A 145 3.39 18.76 -5.03
CA GLY A 145 4.36 18.08 -4.18
C GLY A 145 4.92 18.99 -3.09
N ILE A 146 5.54 18.33 -2.11
CA ILE A 146 6.02 19.01 -0.95
C ILE A 146 7.48 18.60 -0.74
N GLY A 147 8.35 19.60 -0.58
CA GLY A 147 9.76 19.33 -0.29
C GLY A 147 10.00 19.23 1.20
N GLY A 148 11.05 18.47 1.53
CA GLY A 148 11.50 18.38 2.91
C GLY A 148 11.80 19.73 3.53
N SER A 149 12.28 20.70 2.72
CA SER A 149 12.52 22.06 3.23
C SER A 149 11.26 22.73 3.77
N LEU A 150 10.08 22.34 3.28
CA LEU A 150 8.83 22.88 3.84
C LEU A 150 8.69 22.47 5.32
N LEU A 151 9.07 21.24 5.62
CA LEU A 151 8.95 20.72 6.96
C LEU A 151 9.87 21.51 7.89
N SER A 152 11.05 21.85 7.41
CA SER A 152 11.92 22.71 8.18
C SER A 152 11.24 24.05 8.45
N ALA A 153 10.76 24.73 7.43
CA ALA A 153 10.13 26.03 7.60
C ALA A 153 9.01 26.03 8.63
N ILE A 154 8.17 24.99 8.61
CA ILE A 154 7.01 24.96 9.50
C ILE A 154 7.30 24.26 10.84
N ASP A 155 8.57 23.93 11.06
CA ASP A 155 9.05 23.35 12.31
C ASP A 155 8.37 22.00 12.51
N ALA A 156 8.39 21.17 11.47
CA ALA A 156 7.68 19.90 11.51
C ALA A 156 8.60 18.75 11.09
N GLU A 157 9.86 18.79 11.53
CA GLU A 157 10.84 17.76 11.18
C GLU A 157 10.44 16.38 11.73
N ASP A 158 9.74 16.38 12.87
CA ASP A 158 9.03 15.20 13.39
C ASP A 158 8.17 14.47 12.34
N ARG A 159 7.70 15.20 11.32
CA ARG A 159 6.79 14.66 10.31
C ARG A 159 7.50 14.10 9.06
N ARG A 160 8.82 14.20 9.01
CA ARG A 160 9.58 13.84 7.83
C ARG A 160 9.83 12.35 7.76
N PRO A 161 9.19 11.65 6.81
CA PRO A 161 9.49 10.23 6.71
C PRO A 161 10.93 10.03 6.25
N ASP A 162 11.48 8.86 6.56
CA ASP A 162 12.83 8.50 6.13
C ASP A 162 13.01 8.64 4.62
N ALA A 163 12.02 8.23 3.86
CA ALA A 163 12.01 8.37 2.38
C ALA A 163 12.11 9.82 1.89
N LEU A 164 11.85 10.80 2.75
CA LEU A 164 11.98 12.23 2.38
C LEU A 164 13.31 12.85 2.85
N ALA A 165 14.25 12.00 3.26
CA ALA A 165 15.59 12.47 3.58
C ALA A 165 16.23 13.02 2.31
N ASP A 166 16.99 14.09 2.45
CA ASP A 166 17.63 14.75 1.31
C ASP A 166 18.40 13.68 0.56
N LEU A 167 18.45 13.86 -0.75
CA LEU A 167 19.23 13.01 -1.64
C LEU A 167 20.71 13.13 -1.34
N PRO A 168 21.45 12.02 -1.40
CA PRO A 168 22.88 12.18 -1.17
C PRO A 168 23.55 12.87 -2.35
N GLU A 169 24.77 13.35 -2.10
CA GLU A 169 25.63 13.83 -3.16
C GLU A 169 26.15 12.62 -3.94
N PHE A 170 26.18 12.74 -5.27
CA PHE A 170 26.70 11.67 -6.12
C PHE A 170 27.98 12.16 -6.74
N SER A 171 28.88 11.22 -7.07
CA SER A 171 30.22 11.57 -7.50
C SER A 171 30.26 12.30 -8.85
N THR A 172 29.22 12.15 -9.66
CA THR A 172 29.15 12.81 -10.96
C THR A 172 28.33 14.11 -10.89
N ASP A 173 27.89 14.49 -9.71
CA ASP A 173 27.06 15.69 -9.56
C ASP A 173 27.72 16.96 -10.16
N ASP A 174 26.91 17.86 -10.73
CA ASP A 174 27.43 19.13 -11.24
C ASP A 174 26.30 20.15 -11.06
N LEU A 175 25.73 20.10 -9.87
CA LEU A 175 24.48 20.78 -9.57
C LEU A 175 24.68 22.25 -9.32
N HIS A 176 23.75 23.01 -9.87
CA HIS A 176 23.67 24.45 -9.66
C HIS A 176 22.69 24.71 -8.51
N PRO A 177 23.13 25.41 -7.44
CA PRO A 177 22.30 25.45 -6.25
C PRO A 177 20.95 26.08 -6.49
N ARG A 178 20.84 27.02 -7.43
CA ARG A 178 19.56 27.70 -7.62
C ARG A 178 18.56 26.77 -8.33
N TRP A 179 19.05 25.63 -8.85
CA TRP A 179 18.23 24.66 -9.58
C TRP A 179 17.95 23.45 -8.73
N CYS A 180 18.26 23.55 -7.46
CA CYS A 180 18.04 22.49 -6.54
C CYS A 180 16.95 22.82 -5.54
N GLY A 181 16.18 21.78 -5.17
CA GLY A 181 15.29 21.77 -4.04
C GLY A 181 14.02 22.57 -4.27
N GLY A 182 13.41 22.99 -3.17
CA GLY A 182 12.13 23.71 -3.22
C GLY A 182 11.16 23.14 -2.19
N ASP A 183 10.43 24.06 -1.55
CA ASP A 183 9.41 23.74 -0.56
C ASP A 183 8.19 23.07 -1.17
N PHE A 184 7.84 23.47 -2.39
CA PHE A 184 6.73 22.91 -3.09
C PHE A 184 7.07 22.61 -4.53
N MET A 185 6.27 21.73 -5.09
CA MET A 185 6.25 21.53 -6.52
C MET A 185 4.89 21.59 -7.16
N LEU A 186 4.86 22.22 -8.32
CA LEU A 186 3.79 22.03 -9.26
C LEU A 186 4.31 21.35 -10.49
N GLN A 187 3.70 20.22 -10.84
CA GLN A 187 3.90 19.64 -12.17
C GLN A 187 2.60 19.80 -12.96
N VAL A 188 2.69 20.53 -14.05
CA VAL A 188 1.56 20.79 -14.91
C VAL A 188 1.88 20.21 -16.27
N GLY A 189 0.92 19.42 -16.77
CA GLY A 189 1.07 18.75 -18.06
C GLY A 189 -0.12 18.98 -18.94
N ALA A 190 0.16 19.16 -20.24
CA ALA A 190 -0.88 19.18 -21.22
C ALA A 190 -0.34 18.80 -22.58
N GLU A 191 -1.24 18.42 -23.48
CA GLU A 191 -0.86 18.07 -24.84
C GLU A 191 -0.64 19.29 -25.73
N ASP A 192 -1.04 20.49 -25.26
CA ASP A 192 -0.90 21.72 -26.02
C ASP A 192 -0.15 22.79 -25.15
N PRO A 193 0.81 23.56 -25.71
CA PRO A 193 1.63 24.37 -24.85
C PRO A 193 0.84 25.62 -24.41
N MET A 194 -0.14 25.96 -25.17
CA MET A 194 -0.95 27.14 -24.82
C MET A 194 -1.93 26.87 -23.68
N VAL A 195 -2.59 25.72 -23.77
CA VAL A 195 -3.38 25.20 -22.64
C VAL A 195 -2.48 25.12 -21.39
N LEU A 196 -1.27 24.51 -21.51
CA LEU A 196 -0.31 24.47 -20.44
C LEU A 196 0.02 25.81 -19.76
N THR A 197 0.39 26.83 -20.52
CA THR A 197 0.91 28.06 -19.95
C THR A 197 -0.31 28.82 -19.31
N ALA A 198 -1.51 28.55 -19.79
CA ALA A 198 -2.74 29.27 -19.24
C ALA A 198 -3.03 28.73 -17.85
N ALA A 199 -2.88 27.43 -17.72
CA ALA A 199 -3.08 26.75 -16.46
C ALA A 199 -2.00 27.10 -15.49
N VAL A 200 -0.73 27.03 -15.91
CA VAL A 200 0.38 27.55 -15.09
C VAL A 200 0.08 28.95 -14.52
N GLU A 201 -0.24 29.89 -15.36
CA GLU A 201 -0.55 31.29 -14.87
C GLU A 201 -1.55 31.30 -13.73
N GLU A 202 -2.60 30.50 -13.85
CA GLU A 202 -3.66 30.47 -12.80
C GLU A 202 -3.17 29.78 -11.54
N LEU A 203 -2.35 28.72 -11.69
CA LEU A 203 -1.86 28.04 -10.54
C LEU A 203 -0.82 28.82 -9.76
N VAL A 204 0.01 29.61 -10.44
CA VAL A 204 1.02 30.37 -9.76
C VAL A 204 0.32 31.55 -9.07
N ALA A 205 -0.60 32.13 -9.78
CA ALA A 205 -1.41 33.26 -9.22
C ALA A 205 -2.22 32.90 -7.98
N ALA A 206 -2.69 31.66 -7.91
CA ALA A 206 -3.52 31.21 -6.81
C ALA A 206 -2.79 31.19 -5.49
N ALA A 207 -1.46 31.10 -5.53
CA ALA A 207 -0.63 31.14 -4.32
C ALA A 207 0.44 32.24 -4.38
N ALA A 208 0.20 33.28 -5.18
CA ALA A 208 1.20 34.36 -5.38
C ALA A 208 1.66 35.06 -4.09
N ASP A 209 0.74 35.27 -3.14
CA ASP A 209 1.08 36.01 -1.93
C ASP A 209 1.95 35.13 -1.05
N ALA A 210 1.71 33.82 -1.10
CA ALA A 210 2.25 32.89 -0.14
C ALA A 210 3.57 32.23 -0.59
N THR A 211 3.89 32.33 -1.88
CA THR A 211 5.01 31.54 -2.45
C THR A 211 5.74 32.35 -3.49
N ALA A 212 6.93 31.86 -3.87
CA ALA A 212 7.75 32.49 -4.88
C ALA A 212 8.40 31.38 -5.68
N VAL A 213 8.54 31.57 -6.99
CA VAL A 213 9.22 30.53 -7.83
C VAL A 213 10.68 30.49 -7.50
N ARG A 214 11.19 29.27 -7.35
CA ARG A 214 12.57 29.05 -6.99
C ARG A 214 13.33 28.64 -8.27
N TRP A 215 12.79 27.66 -8.98
CA TRP A 215 13.25 27.33 -10.34
C TRP A 215 12.14 26.68 -11.09
N SER A 216 12.20 26.77 -12.40
CA SER A 216 11.25 26.04 -13.23
C SER A 216 11.86 25.61 -14.55
N LEU A 217 11.26 24.61 -15.17
CA LEU A 217 11.69 24.13 -16.48
C LEU A 217 10.53 23.52 -17.22
N ARG A 218 10.34 23.98 -18.45
CA ARG A 218 9.38 23.39 -19.38
C ARG A 218 10.09 22.22 -20.16
N GLY A 219 9.35 21.14 -20.45
CA GLY A 219 9.83 20.01 -21.30
C GLY A 219 8.77 19.56 -22.28
N PHE A 220 9.15 18.68 -23.18
CA PHE A 220 8.27 18.24 -24.24
C PHE A 220 8.62 16.85 -24.64
N ARG A 221 7.65 16.17 -25.24
CA ARG A 221 7.91 14.97 -26.02
C ARG A 221 7.27 15.19 -27.38
N ARG A 222 7.43 14.23 -28.31
CA ARG A 222 6.65 14.24 -29.56
C ARG A 222 5.15 14.46 -29.23
N THR A 223 4.46 15.23 -30.06
CA THR A 223 3.00 15.33 -29.96
C THR A 223 2.34 14.07 -30.50
N ALA A 224 1.21 13.70 -29.93
CA ALA A 224 0.48 12.57 -30.47
C ALA A 224 0.07 12.88 -31.91
N ALA A 225 -0.29 14.14 -32.19
CA ALA A 225 -0.68 14.56 -33.55
C ALA A 225 0.38 14.24 -34.67
N ALA A 226 1.65 14.25 -34.31
CA ALA A 226 2.75 14.06 -35.24
C ALA A 226 3.39 12.68 -35.16
N ALA A 227 2.92 11.82 -34.27
CA ALA A 227 3.41 10.43 -34.22
C ALA A 227 2.81 9.57 -35.32
N ARG A 228 3.64 8.93 -36.16
CA ARG A 228 3.13 7.94 -37.09
C ARG A 228 2.35 6.90 -36.32
N ASP A 229 2.85 6.53 -35.14
CA ASP A 229 2.15 5.61 -34.24
C ASP A 229 2.10 6.25 -32.88
N PRO A 230 0.93 6.81 -32.49
CA PRO A 230 0.82 7.56 -31.23
C PRO A 230 0.89 6.71 -29.96
N ASP A 231 0.95 5.39 -30.10
CA ASP A 231 1.15 4.50 -28.98
C ASP A 231 2.63 4.12 -28.81
N ALA A 232 3.47 4.36 -29.83
CA ALA A 232 4.91 4.15 -29.69
C ALA A 232 5.55 4.96 -28.56
N THR A 233 6.56 4.33 -27.96
CA THR A 233 7.32 4.89 -26.87
C THR A 233 8.03 6.16 -27.39
N PRO A 234 7.98 7.25 -26.65
CA PRO A 234 8.64 8.45 -27.14
C PRO A 234 10.14 8.39 -27.06
N ARG A 235 10.79 9.15 -27.92
CA ARG A 235 12.26 9.24 -27.96
C ARG A 235 12.78 10.52 -27.24
N ASN A 236 14.07 10.52 -26.92
CA ASN A 236 14.77 11.66 -26.30
C ASN A 236 15.64 12.42 -27.29
N LEU A 237 16.42 13.41 -26.84
CA LEU A 237 17.12 14.28 -27.77
C LEU A 237 18.36 13.51 -28.27
N MET A 238 18.68 12.50 -27.56
CA MET A 238 19.79 11.57 -28.08
C MET A 238 19.28 10.56 -29.10
N GLY A 239 18.03 10.65 -29.54
CA GLY A 239 17.43 9.73 -30.48
C GLY A 239 16.94 8.40 -29.95
N GLN A 240 17.04 8.20 -28.64
CA GLN A 240 16.78 6.90 -28.06
C GLN A 240 15.34 6.74 -27.71
N ILE A 241 14.84 5.52 -27.84
CA ILE A 241 13.57 5.15 -27.22
C ILE A 241 13.74 5.17 -25.69
N ASP A 242 12.83 5.89 -25.04
CA ASP A 242 12.90 6.16 -23.62
C ASP A 242 11.62 5.73 -22.93
N GLY A 243 11.70 4.65 -22.15
CA GLY A 243 10.55 4.16 -21.35
C GLY A 243 10.33 2.65 -21.37
N THR A 244 11.04 1.95 -22.23
CA THR A 244 10.77 0.55 -22.46
C THR A 244 10.69 -0.29 -21.15
N ALA A 245 11.65 -0.13 -20.27
CA ALA A 245 11.70 -1.01 -19.09
C ALA A 245 10.85 -0.57 -17.91
N ASN A 246 10.08 0.52 -18.05
CA ASN A 246 9.13 0.89 -17.00
C ASN A 246 8.18 -0.28 -16.74
N PRO A 247 7.76 -0.45 -15.49
CA PRO A 247 6.75 -1.46 -15.24
C PRO A 247 5.47 -1.05 -15.95
N ALA A 248 4.74 -2.04 -16.47
CA ALA A 248 3.50 -1.78 -17.19
C ALA A 248 2.39 -1.33 -16.22
N GLN A 249 1.62 -0.34 -16.62
CA GLN A 249 0.62 0.27 -15.76
C GLN A 249 -0.60 -0.62 -15.46
N ASP A 250 -0.84 -1.62 -16.31
CA ASP A 250 -1.91 -2.62 -16.09
C ASP A 250 -1.43 -3.85 -15.27
N HIS A 251 -0.29 -3.68 -14.58
CA HIS A 251 0.44 -4.78 -13.97
C HIS A 251 0.71 -4.35 -12.52
N PRO A 252 0.59 -5.30 -11.56
CA PRO A 252 0.82 -4.94 -10.15
C PRO A 252 2.16 -4.32 -9.84
N LEU A 253 3.19 -4.65 -10.59
CA LEU A 253 4.48 -4.00 -10.45
C LEU A 253 4.42 -2.45 -10.52
N PHE A 254 3.47 -1.90 -11.26
CA PHE A 254 3.38 -0.46 -11.37
C PHE A 254 3.06 0.16 -10.02
N ASP A 255 1.96 -0.27 -9.42
CA ASP A 255 1.56 0.30 -8.15
C ASP A 255 2.54 0.01 -7.02
N ARG A 256 3.13 -1.18 -7.03
CA ARG A 256 4.16 -1.53 -6.05
C ARG A 256 5.39 -0.64 -6.20
N THR A 257 5.77 -0.32 -7.43
CA THR A 257 6.96 0.50 -7.67
C THR A 257 6.77 1.95 -7.20
N ILE A 258 5.55 2.43 -7.34
CA ILE A 258 5.22 3.84 -7.22
C ILE A 258 4.84 4.28 -5.81
N THR A 259 4.27 3.35 -5.06
CA THR A 259 3.43 3.67 -3.92
C THR A 259 4.20 3.57 -2.62
N ALA A 260 4.13 4.62 -1.80
CA ALA A 260 4.76 4.56 -0.48
C ALA A 260 4.03 3.55 0.38
N ARG A 261 4.79 2.60 0.95
CA ARG A 261 4.27 1.62 1.90
C ARG A 261 3.86 2.31 3.19
N PRO A 262 2.94 1.72 3.97
CA PRO A 262 2.57 2.42 5.21
C PRO A 262 3.73 2.77 6.15
N ALA A 263 3.64 3.95 6.76
CA ALA A 263 4.61 4.39 7.75
C ALA A 263 4.37 3.70 9.11
N ASP A 264 5.45 3.25 9.76
CA ASP A 264 5.42 2.76 11.14
C ASP A 264 4.90 3.78 12.13
N ASN A 265 5.23 5.04 11.90
CA ASN A 265 5.01 6.12 12.83
C ASN A 265 3.87 7.00 12.30
N PRO A 266 2.78 7.17 13.08
CA PRO A 266 1.66 8.02 12.59
C PRO A 266 2.02 9.46 12.19
N ALA A 267 3.12 9.98 12.72
CA ALA A 267 3.61 11.30 12.32
C ALA A 267 4.13 11.30 10.88
N HIS A 268 4.48 10.12 10.35
CA HIS A 268 4.93 9.98 8.97
C HIS A 268 3.85 9.49 8.01
N ALA A 269 2.68 9.11 8.53
CA ALA A 269 1.66 8.45 7.70
C ALA A 269 0.93 9.34 6.68
N TRP A 270 1.14 10.66 6.76
CA TRP A 270 0.59 11.58 5.75
C TRP A 270 1.07 11.24 4.34
N MET A 271 2.15 10.47 4.21
CA MET A 271 2.62 9.98 2.91
C MET A 271 2.22 8.55 2.52
N ASP A 272 1.47 7.84 3.36
CA ASP A 272 0.93 6.53 3.00
C ASP A 272 0.19 6.58 1.69
N GLY A 273 0.58 5.71 0.76
CA GLY A 273 -0.10 5.66 -0.54
C GLY A 273 0.26 6.80 -1.48
N GLY A 274 1.18 7.68 -1.04
CA GLY A 274 1.72 8.71 -1.89
C GLY A 274 2.88 8.15 -2.70
N SER A 275 3.58 9.04 -3.40
CA SER A 275 4.74 8.67 -4.20
C SER A 275 5.79 9.77 -4.07
N TYR A 276 7.05 9.40 -4.29
CA TYR A 276 8.16 10.33 -4.24
C TYR A 276 8.73 10.54 -5.64
N LEU A 277 8.88 11.81 -5.98
CA LEU A 277 9.42 12.28 -7.25
C LEU A 277 10.85 12.76 -7.07
N VAL A 278 11.79 12.12 -7.78
CA VAL A 278 13.10 12.70 -7.95
C VAL A 278 13.13 13.36 -9.31
N VAL A 279 13.44 14.65 -9.33
CA VAL A 279 13.62 15.36 -10.59
C VAL A 279 15.07 15.73 -10.75
N ARG A 280 15.58 15.49 -11.94
CA ARG A 280 16.94 15.88 -12.27
C ARG A 280 16.92 16.59 -13.62
N ARG A 281 17.54 17.75 -13.68
CA ARG A 281 17.77 18.43 -14.93
C ARG A 281 19.11 17.91 -15.46
N ILE A 282 19.07 17.18 -16.53
CA ILE A 282 20.32 16.52 -17.06
C ILE A 282 20.64 17.05 -18.43
N ARG A 283 21.69 17.84 -18.52
CA ARG A 283 22.14 18.42 -19.76
C ARG A 283 22.79 17.29 -20.59
N MET A 284 22.47 17.27 -21.88
CA MET A 284 23.09 16.33 -22.87
C MET A 284 24.20 17.01 -23.65
N LEU A 285 25.37 16.36 -23.77
CA LEU A 285 26.46 16.91 -24.58
C LEU A 285 26.26 16.48 -26.02
N LEU A 286 25.38 17.17 -26.73
CA LEU A 286 24.90 16.64 -27.99
C LEU A 286 25.93 16.75 -29.09
N THR A 287 26.75 17.78 -29.03
CA THR A 287 27.77 17.96 -30.02
C THR A 287 28.76 16.79 -29.95
N GLU A 288 29.17 16.43 -28.76
CA GLU A 288 30.06 15.28 -28.58
C GLU A 288 29.37 13.95 -28.91
N TRP A 289 28.13 13.79 -28.45
CA TRP A 289 27.29 12.65 -28.79
C TRP A 289 27.16 12.47 -30.30
N ARG A 290 27.02 13.57 -31.06
CA ARG A 290 26.84 13.38 -32.49
C ARG A 290 28.09 12.96 -33.25
N LYS A 291 29.24 13.10 -32.63
CA LYS A 291 30.49 12.61 -33.22
C LYS A 291 30.53 11.08 -33.29
N LEU A 292 29.79 10.40 -32.41
CA LEU A 292 29.77 8.92 -32.44
C LEU A 292 28.97 8.37 -33.57
N ASP A 293 29.43 7.26 -34.12
CA ASP A 293 28.62 6.58 -35.09
C ASP A 293 27.59 5.74 -34.38
N VAL A 294 26.58 5.31 -35.12
CA VAL A 294 25.33 4.75 -34.57
C VAL A 294 25.65 3.56 -33.70
N ALA A 295 26.50 2.65 -34.19
CA ALA A 295 26.90 1.51 -33.39
C ALA A 295 27.43 1.90 -32.02
N ALA A 296 28.31 2.90 -31.98
CA ALA A 296 28.89 3.32 -30.71
C ALA A 296 27.83 3.87 -29.76
N ARG A 297 26.91 4.64 -30.29
CA ARG A 297 25.79 5.21 -29.48
C ARG A 297 24.98 4.10 -28.84
N GLU A 298 24.71 3.08 -29.64
CA GLU A 298 23.94 1.94 -29.17
C GLU A 298 24.70 1.22 -28.06
N ARG A 299 26.03 1.11 -28.18
CA ARG A 299 26.83 0.49 -27.12
C ARG A 299 26.79 1.25 -25.75
N VAL A 300 26.77 2.58 -25.78
CA VAL A 300 26.59 3.39 -24.55
C VAL A 300 25.37 2.94 -23.73
N ILE A 301 24.23 2.71 -24.39
CA ILE A 301 22.96 2.39 -23.68
C ILE A 301 22.73 0.89 -23.56
N GLY A 302 22.99 0.15 -24.62
CA GLY A 302 22.77 -1.29 -24.64
C GLY A 302 21.50 -1.64 -25.38
N ARG A 303 20.92 -0.65 -26.07
CA ARG A 303 19.79 -0.88 -26.95
C ARG A 303 20.02 -0.14 -28.26
N ARG A 304 19.33 -0.59 -29.29
CA ARG A 304 19.51 -0.10 -30.65
C ARG A 304 18.68 1.15 -30.77
N LEU A 305 19.11 2.07 -31.62
CA LEU A 305 18.33 3.31 -31.85
C LEU A 305 17.08 3.12 -32.71
N ASP A 306 17.19 2.26 -33.72
CA ASP A 306 16.12 2.09 -34.71
C ASP A 306 14.85 1.54 -34.07
N THR A 307 15.00 0.46 -33.32
CA THR A 307 13.88 -0.32 -32.76
C THR A 307 13.83 -0.33 -31.24
N GLY A 308 14.89 0.08 -30.56
CA GLY A 308 14.92 0.00 -29.09
C GLY A 308 15.16 -1.37 -28.51
N ALA A 309 15.40 -2.37 -29.38
CA ALA A 309 15.73 -3.74 -28.98
C ALA A 309 17.07 -3.80 -28.25
N PRO A 310 17.17 -4.67 -27.25
CA PRO A 310 18.48 -4.87 -26.66
C PRO A 310 19.43 -5.30 -27.79
N LEU A 311 20.73 -5.16 -27.58
CA LEU A 311 21.70 -5.36 -28.65
C LEU A 311 21.78 -6.82 -29.09
N GLY A 312 21.69 -7.00 -30.39
CA GLY A 312 21.55 -8.32 -30.99
C GLY A 312 20.11 -8.82 -31.17
N SER A 313 19.10 -8.01 -30.85
CA SER A 313 17.70 -8.44 -31.01
C SER A 313 16.94 -7.56 -31.98
N ARG A 314 15.71 -7.97 -32.31
CA ARG A 314 14.91 -7.30 -33.31
C ARG A 314 13.84 -6.38 -32.73
N ASN A 315 13.26 -6.73 -31.59
CA ASN A 315 12.10 -5.98 -31.01
C ASN A 315 12.42 -5.16 -29.75
N GLU A 316 11.78 -3.99 -29.67
CA GLU A 316 11.76 -3.14 -28.48
C GLU A 316 11.49 -3.93 -27.21
N THR A 317 10.39 -4.67 -27.23
CA THR A 317 9.93 -5.47 -26.09
C THR A 317 10.85 -6.69 -25.86
N LEU A 332 27.59 -8.97 -25.08
CA LEU A 332 26.71 -8.32 -26.05
C LEU A 332 26.28 -6.91 -25.59
N ILE A 333 25.75 -6.84 -24.37
CA ILE A 333 25.52 -5.57 -23.69
C ILE A 333 26.79 -5.21 -22.91
N PRO A 334 27.46 -4.09 -23.27
CA PRO A 334 28.72 -3.72 -22.61
C PRO A 334 28.70 -3.70 -21.09
N GLU A 335 29.86 -3.93 -20.48
CA GLU A 335 29.91 -3.94 -19.03
C GLU A 335 29.48 -2.62 -18.45
N ASN A 336 29.75 -1.54 -19.16
CA ASN A 336 29.40 -0.22 -18.63
C ASN A 336 28.16 0.34 -19.28
N ALA A 337 27.31 -0.52 -19.86
CA ALA A 337 26.13 -0.03 -20.57
C ALA A 337 25.14 0.46 -19.57
N HIS A 338 24.48 1.55 -19.94
CA HIS A 338 23.52 2.17 -19.08
C HIS A 338 22.48 1.18 -18.53
N VAL A 339 21.77 0.51 -19.42
CA VAL A 339 20.73 -0.44 -19.01
C VAL A 339 21.28 -1.63 -18.20
N ARG A 340 22.56 -1.96 -18.32
CA ARG A 340 23.07 -3.02 -17.46
C ARG A 340 23.25 -2.48 -16.05
N LEU A 341 23.91 -1.34 -15.94
CA LEU A 341 24.20 -0.78 -14.61
C LEU A 341 22.91 -0.28 -13.89
N ALA A 342 21.91 0.15 -14.67
CA ALA A 342 20.65 0.69 -14.12
C ALA A 342 19.62 -0.40 -13.78
N SER A 343 19.87 -1.64 -14.20
CA SER A 343 18.88 -2.71 -14.08
C SER A 343 18.62 -3.03 -12.63
N PRO A 344 17.36 -3.30 -12.25
CA PRO A 344 17.06 -3.75 -10.89
C PRO A 344 17.98 -4.87 -10.46
N GLU A 345 18.25 -5.77 -11.41
CA GLU A 345 19.21 -6.86 -11.26
C GLU A 345 20.54 -6.39 -10.67
N ASN A 346 21.09 -5.28 -11.16
CA ASN A 346 22.37 -4.76 -10.66
C ASN A 346 22.23 -3.86 -9.41
N ASN A 347 21.04 -3.81 -8.81
CA ASN A 347 20.75 -2.86 -7.72
C ASN A 347 19.81 -3.42 -6.66
N LEU A 348 19.95 -4.72 -6.41
CA LEU A 348 19.19 -5.37 -5.36
C LEU A 348 17.69 -5.12 -5.54
N GLY A 349 17.23 -5.16 -6.78
CA GLY A 349 15.83 -5.05 -7.09
C GLY A 349 15.26 -3.63 -7.11
N ALA A 350 16.13 -2.62 -6.93
CA ALA A 350 15.71 -1.20 -7.01
C ALA A 350 15.01 -0.95 -8.34
N ARG A 351 13.86 -0.29 -8.27
CA ARG A 351 13.01 -0.09 -9.43
C ARG A 351 12.33 1.27 -9.30
N MET A 352 12.06 1.91 -10.43
CA MET A 352 11.40 3.22 -10.45
C MET A 352 10.59 3.30 -11.72
N PHE A 353 9.70 4.28 -11.78
CA PHE A 353 8.91 4.60 -12.95
C PHE A 353 9.41 5.94 -13.46
N ARG A 354 9.92 5.95 -14.69
CA ARG A 354 10.52 7.11 -15.28
C ARG A 354 9.52 7.76 -16.21
N ARG A 355 9.27 9.05 -15.99
CA ARG A 355 8.33 9.81 -16.77
C ARG A 355 8.91 11.21 -17.04
N GLY A 356 9.91 11.21 -17.90
CA GLY A 356 10.70 12.36 -18.18
C GLY A 356 10.35 13.00 -19.51
N TYR A 357 10.86 14.23 -19.69
CA TYR A 357 10.62 15.10 -20.82
C TYR A 357 11.94 15.66 -21.34
N SER A 358 12.02 15.87 -22.64
CA SER A 358 13.08 16.65 -23.19
C SER A 358 12.94 18.11 -22.92
N TYR A 359 14.06 18.80 -22.92
CA TYR A 359 14.13 20.27 -22.82
C TYR A 359 15.11 20.80 -23.78
N ASP A 360 14.76 21.95 -24.32
CA ASP A 360 15.56 22.72 -25.24
C ASP A 360 15.50 24.16 -24.82
N GLN A 361 16.64 24.62 -24.29
CA GLN A 361 16.81 25.96 -23.81
C GLN A 361 17.87 26.69 -24.62
N GLY A 362 18.02 26.29 -25.87
CA GLY A 362 18.97 26.97 -26.77
C GLY A 362 20.45 26.79 -26.35
N TRP A 363 21.15 27.92 -26.20
CA TRP A 363 22.60 27.90 -25.95
C TRP A 363 22.89 28.83 -24.78
N ARG A 364 23.95 28.52 -24.07
CA ARG A 364 24.34 29.21 -22.86
C ARG A 364 25.68 29.91 -23.12
N ASP A 365 26.32 30.53 -22.11
CA ASP A 365 27.74 30.95 -22.25
C ASP A 365 28.46 29.58 -22.40
N ASP A 366 29.69 29.40 -22.85
CA ASP A 366 30.35 29.97 -23.96
C ASP A 366 29.99 29.03 -25.11
N GLY A 367 28.79 29.20 -25.66
CA GLY A 367 28.30 28.32 -26.74
C GLY A 367 27.84 26.91 -26.36
N VAL A 368 27.77 26.62 -25.08
CA VAL A 368 27.28 25.36 -24.60
C VAL A 368 25.77 25.19 -24.93
N ARG A 369 25.45 24.01 -25.46
CA ARG A 369 24.07 23.65 -25.80
C ARG A 369 23.32 23.39 -24.51
N ASP A 370 22.30 24.22 -24.21
CA ASP A 370 21.49 24.02 -23.04
C ASP A 370 20.23 23.21 -23.42
N ALA A 371 20.39 21.90 -23.53
CA ALA A 371 19.32 20.96 -23.85
C ALA A 371 19.60 19.62 -23.21
N GLY A 372 18.57 18.81 -23.10
CA GLY A 372 18.57 17.73 -22.21
C GLY A 372 17.37 16.96 -21.92
N LEU A 373 17.48 16.21 -20.84
CA LEU A 373 16.42 15.39 -20.27
C LEU A 373 16.03 15.96 -18.91
N LEU A 374 14.77 16.41 -18.83
CA LEU A 374 14.17 16.69 -17.56
C LEU A 374 13.70 15.34 -17.04
N PHE A 375 14.59 14.67 -16.31
CA PHE A 375 14.36 13.32 -15.86
C PHE A 375 13.48 13.31 -14.62
N MET A 376 12.50 12.41 -14.60
CA MET A 376 11.61 12.33 -13.46
C MET A 376 11.35 10.88 -13.11
N ALA A 377 11.78 10.49 -11.92
CA ALA A 377 11.51 9.14 -11.43
C ALA A 377 10.56 9.16 -10.24
N TRP A 378 9.57 8.29 -10.34
CA TRP A 378 8.58 8.06 -9.31
C TRP A 378 8.83 6.75 -8.62
N GLN A 379 8.67 6.76 -7.31
CA GLN A 379 8.87 5.57 -6.50
C GLN A 379 8.28 5.71 -5.11
N GLY A 380 8.01 4.56 -4.49
CA GLY A 380 7.53 4.45 -3.13
C GLY A 380 8.54 4.95 -2.13
N ASP A 381 9.83 4.77 -2.40
CA ASP A 381 10.88 5.14 -1.47
C ASP A 381 12.17 5.34 -2.25
N PRO A 382 12.72 6.58 -2.25
CA PRO A 382 13.91 6.78 -3.07
C PRO A 382 15.08 5.83 -2.75
N ALA A 383 15.20 5.38 -1.51
CA ALA A 383 16.30 4.50 -1.13
C ALA A 383 16.25 3.14 -1.82
N THR A 384 15.08 2.73 -2.33
CA THR A 384 14.93 1.47 -3.08
C THR A 384 14.48 1.78 -4.50
N GLY A 385 14.96 2.92 -5.01
CA GLY A 385 14.62 3.36 -6.34
C GLY A 385 15.73 4.17 -6.98
N PHE A 386 15.49 5.45 -7.16
CA PHE A 386 16.51 6.36 -7.71
C PHE A 386 17.91 6.31 -7.05
N ILE A 387 17.98 6.33 -5.70
CA ILE A 387 19.28 6.50 -5.03
C ILE A 387 20.28 5.36 -5.32
N PRO A 388 19.88 4.12 -5.06
CA PRO A 388 20.90 3.08 -5.29
C PRO A 388 21.29 3.02 -6.75
N VAL A 389 20.35 3.25 -7.63
CA VAL A 389 20.58 3.15 -9.07
C VAL A 389 21.52 4.25 -9.54
N GLN A 390 21.26 5.47 -9.12
CA GLN A 390 22.13 6.57 -9.53
C GLN A 390 23.53 6.40 -8.99
N ARG A 391 23.64 5.87 -7.76
CA ARG A 391 24.92 5.59 -7.13
C ARG A 391 25.72 4.58 -7.95
N SER A 392 25.06 3.53 -8.44
CA SER A 392 25.72 2.57 -9.36
C SER A 392 26.16 3.26 -10.67
N LEU A 393 25.35 4.17 -11.20
CA LEU A 393 25.68 4.79 -12.46
C LEU A 393 26.84 5.74 -12.28
N ALA A 394 26.76 6.56 -11.23
CA ALA A 394 27.86 7.44 -10.84
C ALA A 394 29.18 6.71 -10.58
N ASP A 395 29.16 5.75 -9.67
CA ASP A 395 30.41 5.12 -9.20
C ASP A 395 30.92 4.02 -10.12
N GLN A 396 30.03 3.36 -10.85
CA GLN A 396 30.47 2.19 -11.64
C GLN A 396 30.76 2.58 -13.09
N GLY A 397 30.76 3.89 -13.36
CA GLY A 397 31.23 4.41 -14.62
C GLY A 397 30.32 4.11 -15.80
N ASP A 398 29.03 4.42 -15.64
CA ASP A 398 28.09 4.36 -16.75
C ASP A 398 28.74 4.99 -17.95
N ALA A 399 28.65 4.32 -19.11
CA ALA A 399 29.15 4.83 -20.41
C ALA A 399 28.49 6.16 -20.77
N LEU A 400 27.28 6.31 -20.29
CA LEU A 400 26.52 7.53 -20.54
C LEU A 400 27.03 8.79 -19.81
N ASN A 401 27.73 8.61 -18.68
CA ASN A 401 28.22 9.75 -17.86
C ASN A 401 28.99 10.78 -18.65
N ARG A 402 29.84 10.28 -19.55
CA ARG A 402 30.56 11.13 -20.49
C ARG A 402 29.70 12.18 -21.22
N TYR A 403 28.43 11.86 -21.49
CA TYR A 403 27.64 12.67 -22.40
C TYR A 403 26.55 13.44 -21.68
N ILE A 404 26.54 13.35 -20.36
CA ILE A 404 25.51 14.03 -19.56
C ILE A 404 26.07 14.74 -18.34
N ARG A 405 25.35 15.77 -17.87
CA ARG A 405 25.73 16.46 -16.66
C ARG A 405 24.51 16.70 -15.83
N HIS A 406 24.47 16.16 -14.61
CA HIS A 406 23.39 16.46 -13.68
C HIS A 406 23.50 17.89 -13.13
N GLU A 407 22.60 18.79 -13.54
CA GLU A 407 22.71 20.21 -13.14
C GLU A 407 21.60 20.74 -12.20
N GLY A 408 20.50 20.04 -12.12
CA GLY A 408 19.40 20.43 -11.22
C GLY A 408 18.93 19.16 -10.54
N SER A 409 18.45 19.28 -9.31
CA SER A 409 17.95 18.16 -8.56
C SER A 409 16.94 18.58 -7.50
N ALA A 410 15.93 17.74 -7.32
CA ALA A 410 14.98 17.91 -6.21
C ALA A 410 14.20 16.64 -5.93
N LEU A 411 13.84 16.49 -4.66
CA LEU A 411 12.99 15.40 -4.20
C LEU A 411 11.67 16.03 -3.71
N PHE A 412 10.54 15.56 -4.21
CA PHE A 412 9.24 15.95 -3.66
C PHE A 412 8.40 14.77 -3.22
N ALA A 413 7.74 14.94 -2.08
CA ALA A 413 6.75 13.99 -1.62
C ALA A 413 5.45 14.41 -2.26
N VAL A 414 4.78 13.47 -2.93
CA VAL A 414 3.53 13.74 -3.62
C VAL A 414 2.47 12.91 -2.93
N PRO A 415 1.66 13.56 -2.06
CA PRO A 415 0.73 12.79 -1.26
C PRO A 415 -0.50 12.33 -2.00
N ALA A 416 -1.11 11.27 -1.50
CA ALA A 416 -2.33 10.74 -2.04
C ALA A 416 -3.46 11.72 -1.80
N ALA A 417 -4.24 11.96 -2.85
CA ALA A 417 -5.50 12.72 -2.70
C ALA A 417 -6.44 11.93 -1.80
N ARG A 418 -7.09 12.64 -0.87
CA ARG A 418 -8.08 12.07 -0.01
C ARG A 418 -9.37 12.88 -0.05
N GLU A 419 -10.48 12.15 -0.08
CA GLU A 419 -11.82 12.72 -0.07
C GLU A 419 -12.01 13.72 1.08
N GLY A 420 -12.48 14.92 0.74
CA GLY A 420 -12.82 15.94 1.73
C GLY A 420 -11.65 16.67 2.38
N ARG A 421 -10.42 16.48 1.86
CA ARG A 421 -9.24 17.11 2.42
C ARG A 421 -8.36 17.65 1.30
N TYR A 422 -7.74 18.81 1.55
CA TYR A 422 -6.75 19.32 0.65
C TYR A 422 -5.41 18.56 0.78
N LEU A 423 -4.58 18.70 -0.26
CA LEU A 423 -3.35 17.92 -0.40
C LEU A 423 -2.35 18.35 0.65
N GLY A 424 -1.95 17.39 1.48
CA GLY A 424 -1.05 17.63 2.61
C GLY A 424 -1.73 18.28 3.83
N GLN A 425 -3.06 18.28 3.86
CA GLN A 425 -3.76 18.87 5.02
C GLN A 425 -3.39 18.13 6.32
N ASP A 426 -3.21 16.80 6.21
CA ASP A 426 -2.67 15.95 7.28
C ASP A 426 -1.40 16.53 7.85
N LEU A 427 -0.46 16.85 6.96
CA LEU A 427 0.84 17.36 7.38
C LEU A 427 0.68 18.72 8.06
N ILE A 428 -0.05 19.62 7.42
CA ILE A 428 -0.30 20.93 8.00
C ILE A 428 -1.15 20.76 9.27
N GLU A 429 -2.11 19.84 9.17
CA GLU A 429 -3.22 19.63 10.12
C GLU A 429 -4.19 20.80 10.03
N GLY A 430 -5.47 20.49 9.82
CA GLY A 430 -6.50 21.51 9.76
C GLY A 430 -6.48 22.30 8.47
N ALA B 49 -38.48 -32.50 15.03
CA ALA B 49 -37.67 -32.43 13.78
C ALA B 49 -38.26 -31.34 12.90
N SER B 50 -37.38 -30.80 12.05
CA SER B 50 -37.68 -29.75 11.09
C SER B 50 -36.38 -29.49 10.35
N PRO B 51 -36.45 -28.96 9.12
CA PRO B 51 -35.24 -28.49 8.43
C PRO B 51 -34.35 -27.59 9.28
N LYS B 52 -34.95 -26.62 9.97
CA LYS B 52 -34.19 -25.71 10.84
C LYS B 52 -33.42 -26.46 11.93
N ALA B 53 -34.07 -27.43 12.55
CA ALA B 53 -33.43 -28.18 13.59
C ALA B 53 -32.20 -28.93 13.05
N GLU B 54 -32.37 -29.64 11.93
CA GLU B 54 -31.22 -30.33 11.33
C GLU B 54 -30.10 -29.33 11.01
N GLN B 55 -30.48 -28.15 10.51
CA GLN B 55 -29.52 -27.10 10.17
C GLN B 55 -28.78 -26.51 11.39
N ARG B 56 -29.47 -26.42 12.54
CA ARG B 56 -28.86 -26.07 13.82
C ARG B 56 -27.78 -27.07 14.28
N LEU B 57 -27.86 -28.31 13.84
CA LEU B 57 -26.95 -29.37 14.32
C LEU B 57 -25.78 -29.64 13.38
N ARG B 58 -25.83 -29.08 12.18
CA ARG B 58 -24.86 -29.39 11.13
C ARG B 58 -23.42 -29.05 11.56
N MET B 59 -23.23 -27.88 12.19
CA MET B 59 -21.87 -27.46 12.57
C MET B 59 -21.22 -28.41 13.61
N ALA B 60 -22.02 -28.88 14.58
CA ALA B 60 -21.57 -29.85 15.55
C ALA B 60 -21.37 -31.22 14.94
N ALA B 61 -22.17 -31.54 13.92
CA ALA B 61 -22.16 -32.89 13.33
C ALA B 61 -21.07 -33.10 12.30
N GLN B 62 -20.76 -32.09 11.51
CA GLN B 62 -19.91 -32.27 10.34
C GLN B 62 -18.45 -31.96 10.60
N ARG B 63 -17.59 -32.58 9.81
CA ARG B 63 -16.19 -32.19 9.72
C ARG B 63 -16.08 -30.95 8.84
N ALA B 64 -15.10 -30.14 9.15
CA ALA B 64 -14.66 -29.07 8.27
C ALA B 64 -14.14 -29.58 6.96
N ASP B 65 -14.13 -28.68 5.97
CA ASP B 65 -13.48 -28.94 4.69
C ASP B 65 -11.94 -28.84 4.83
N ALA B 66 -11.24 -29.97 4.74
CA ALA B 66 -9.78 -30.00 4.84
C ALA B 66 -9.07 -29.24 3.68
N THR B 67 -9.72 -29.18 2.53
CA THR B 67 -9.08 -28.66 1.30
C THR B 67 -9.27 -27.16 1.12
N ALA B 68 -9.91 -26.47 2.06
CA ALA B 68 -10.07 -25.03 1.88
C ALA B 68 -8.67 -24.35 1.81
N ALA B 69 -8.47 -23.52 0.79
CA ALA B 69 -7.22 -22.82 0.56
C ALA B 69 -7.29 -21.38 1.07
N PRO B 70 -6.14 -20.79 1.47
CA PRO B 70 -4.81 -21.43 1.55
C PRO B 70 -4.75 -22.51 2.63
N GLN B 71 -5.53 -22.33 3.71
CA GLN B 71 -5.73 -23.34 4.75
C GLN B 71 -7.13 -23.19 5.32
N PRO B 72 -7.59 -24.20 6.06
CA PRO B 72 -8.82 -24.05 6.80
C PRO B 72 -8.77 -22.89 7.77
N GLY B 73 -9.94 -22.33 8.10
CA GLY B 73 -10.01 -21.30 9.09
C GLY B 73 -10.26 -19.92 8.53
N ILE B 74 -10.54 -19.86 7.24
CA ILE B 74 -10.82 -18.61 6.60
C ILE B 74 -12.18 -18.67 5.97
N SER B 75 -12.31 -19.48 4.93
CA SER B 75 -13.54 -19.69 4.22
C SER B 75 -14.34 -20.79 4.92
N GLY B 76 -15.52 -21.04 4.38
CA GLY B 76 -16.44 -22.01 4.94
C GLY B 76 -17.24 -21.37 6.08
N PRO B 77 -18.24 -22.09 6.57
CA PRO B 77 -18.96 -21.68 7.78
C PRO B 77 -17.99 -21.60 8.95
N ALA B 78 -18.17 -20.58 9.78
CA ALA B 78 -17.29 -20.33 10.91
C ALA B 78 -17.78 -21.02 12.16
N PRO B 79 -16.94 -21.89 12.77
CA PRO B 79 -17.37 -22.53 14.03
C PRO B 79 -17.63 -21.51 15.17
N ALA B 80 -18.44 -21.91 16.15
CA ALA B 80 -18.85 -21.02 17.22
C ALA B 80 -17.69 -20.69 18.14
N PHE B 81 -16.63 -21.50 18.16
CA PHE B 81 -15.57 -21.22 19.09
C PHE B 81 -14.20 -21.13 18.39
N VAL B 82 -13.33 -20.29 18.94
CA VAL B 82 -11.94 -20.18 18.46
C VAL B 82 -10.99 -20.08 19.63
N HIS B 83 -9.79 -20.64 19.45
CA HIS B 83 -8.70 -20.35 20.32
C HIS B 83 -7.53 -19.84 19.44
N VAL B 84 -7.14 -18.57 19.64
CA VAL B 84 -6.03 -17.98 18.92
C VAL B 84 -4.81 -18.07 19.83
N ILE B 85 -3.78 -18.79 19.36
CA ILE B 85 -2.59 -18.96 20.16
C ILE B 85 -1.38 -18.45 19.39
N ALA B 86 -0.64 -17.51 20.00
CA ALA B 86 0.60 -16.90 19.49
C ALA B 86 1.74 -17.55 20.25
N LEU B 87 2.68 -18.13 19.49
CA LEU B 87 3.83 -18.82 20.06
C LEU B 87 5.16 -18.26 19.52
N ASP B 88 6.19 -18.33 20.37
CA ASP B 88 7.54 -18.02 19.97
C ASP B 88 8.33 -19.32 19.96
N LEU B 89 9.39 -19.32 19.17
CA LEU B 89 10.40 -20.36 19.28
C LEU B 89 10.93 -20.37 20.72
N ALA B 90 11.17 -21.57 21.24
CA ALA B 90 11.80 -21.73 22.53
C ALA B 90 12.99 -20.78 22.68
N GLU B 91 13.23 -20.35 23.90
CA GLU B 91 14.10 -19.23 24.17
C GLU B 91 15.56 -19.53 23.87
N GLU B 92 15.99 -20.70 24.30
CA GLU B 92 17.35 -21.08 24.01
C GLU B 92 17.59 -21.11 22.51
N ALA B 93 16.79 -21.90 21.79
CA ALA B 93 16.94 -22.09 20.31
C ALA B 93 16.84 -20.81 19.46
N ARG B 94 16.01 -19.87 19.94
CA ARG B 94 15.71 -18.65 19.24
C ARG B 94 16.92 -17.75 19.13
N LYS B 95 17.87 -17.90 20.04
CA LYS B 95 19.00 -16.95 20.19
C LYS B 95 19.92 -16.91 19.00
N ASN B 96 19.95 -17.98 18.21
CA ASN B 96 20.78 -18.02 17.03
C ASN B 96 19.99 -18.59 15.85
N PRO B 97 20.22 -18.03 14.65
CA PRO B 97 19.52 -18.42 13.43
C PRO B 97 19.52 -19.89 13.10
N ASP B 98 20.61 -20.60 13.39
CA ASP B 98 20.74 -22.01 13.02
C ASP B 98 19.82 -22.90 13.85
N THR B 99 19.94 -22.78 15.16
CA THR B 99 19.04 -23.46 16.08
C THR B 99 17.59 -22.98 15.88
N ALA B 100 17.41 -21.71 15.55
CA ALA B 100 16.07 -21.12 15.38
C ALA B 100 15.39 -21.69 14.14
N ARG B 101 16.16 -21.79 13.04
CA ARG B 101 15.65 -22.41 11.81
C ARG B 101 15.33 -23.91 12.04
N ASP B 102 16.21 -24.64 12.72
CA ASP B 102 15.93 -26.06 13.07
C ASP B 102 14.62 -26.23 13.81
N SER B 103 14.36 -25.36 14.79
CA SER B 103 13.18 -25.47 15.64
C SER B 103 11.89 -25.09 14.90
N ALA B 104 11.98 -24.04 14.09
CA ALA B 104 10.95 -23.66 13.13
C ALA B 104 10.50 -24.79 12.24
N ALA B 105 11.46 -25.49 11.62
CA ALA B 105 11.11 -26.63 10.78
C ALA B 105 10.32 -27.73 11.50
N ALA B 106 10.75 -28.07 12.71
CA ALA B 106 10.10 -29.12 13.50
C ALA B 106 8.68 -28.67 13.94
N ALA B 107 8.59 -27.43 14.34
CA ALA B 107 7.26 -26.90 14.80
C ALA B 107 6.30 -27.00 13.63
N LEU B 108 6.66 -26.37 12.52
CA LEU B 108 5.84 -26.30 11.29
C LEU B 108 5.47 -27.64 10.67
N ARG B 109 6.45 -28.54 10.59
CA ARG B 109 6.15 -29.87 10.14
C ARG B 109 5.19 -30.56 11.09
N SER B 110 5.43 -30.43 12.39
CA SER B 110 4.66 -31.18 13.36
C SER B 110 3.21 -30.73 13.34
N TRP B 111 3.02 -29.41 13.30
CA TRP B 111 1.66 -28.83 13.25
C TRP B 111 0.94 -29.17 11.95
N THR B 112 1.67 -29.11 10.84
CA THR B 112 1.07 -29.44 9.55
C THR B 112 0.51 -30.85 9.57
N GLU B 113 1.35 -31.80 9.99
CA GLU B 113 0.99 -33.20 9.97
C GLU B 113 -0.17 -33.52 10.88
N LEU B 114 -0.11 -32.94 12.09
CA LEU B 114 -1.21 -33.09 13.06
C LEU B 114 -2.50 -32.40 12.58
N ALA B 115 -2.34 -31.23 11.95
CA ALA B 115 -3.49 -30.54 11.36
C ALA B 115 -4.18 -31.38 10.29
N ALA B 116 -3.42 -32.15 9.51
CA ALA B 116 -4.02 -32.99 8.47
C ALA B 116 -4.83 -34.13 9.10
N ARG B 117 -4.25 -34.77 10.14
CA ARG B 117 -4.91 -35.77 10.97
C ARG B 117 -6.19 -35.19 11.61
N LEU B 118 -6.05 -34.06 12.28
CA LEU B 118 -7.21 -33.41 12.97
C LEU B 118 -8.36 -32.99 12.06
N HIS B 119 -8.08 -32.79 10.80
CA HIS B 119 -9.15 -32.48 9.87
C HIS B 119 -9.91 -33.74 9.49
N GLU B 120 -9.24 -34.89 9.47
CA GLU B 120 -9.89 -36.17 9.14
C GLU B 120 -10.42 -36.89 10.36
N GLU B 121 -9.71 -36.76 11.48
CA GLU B 121 -10.02 -37.48 12.70
C GLU B 121 -10.23 -36.52 13.87
N SER B 122 -10.88 -36.98 14.91
CA SER B 122 -11.08 -36.16 16.09
C SER B 122 -9.92 -36.41 17.04
N PRO B 123 -9.75 -35.51 18.00
CA PRO B 123 -8.67 -35.60 18.97
C PRO B 123 -8.68 -36.94 19.74
N HIS B 124 -9.86 -37.49 19.99
CA HIS B 124 -9.96 -38.74 20.73
C HIS B 124 -9.60 -39.94 19.87
N ASP B 125 -9.71 -39.79 18.55
CA ASP B 125 -9.22 -40.82 17.62
C ASP B 125 -7.71 -40.89 17.62
N ILE B 126 -7.09 -39.73 17.53
CA ILE B 126 -5.64 -39.59 17.57
C ILE B 126 -5.02 -40.03 18.89
N ALA B 127 -5.66 -39.69 20.01
CA ALA B 127 -5.06 -39.87 21.35
C ALA B 127 -6.06 -40.46 22.34
N GLU B 128 -5.69 -41.58 22.98
CA GLU B 128 -6.55 -42.23 23.97
C GLU B 128 -6.66 -41.30 25.17
N GLY B 129 -7.83 -41.27 25.82
CA GLY B 129 -8.03 -40.44 27.01
C GLY B 129 -8.20 -38.94 26.76
N ALA B 130 -8.57 -38.56 25.55
CA ALA B 130 -8.78 -37.16 25.23
C ALA B 130 -10.08 -36.68 25.87
N ALA B 131 -10.12 -35.39 26.17
CA ALA B 131 -11.29 -34.81 26.82
C ALA B 131 -12.54 -34.87 25.96
N SER B 132 -12.34 -34.92 24.65
CA SER B 132 -13.40 -34.94 23.66
C SER B 132 -14.00 -36.28 23.25
N ALA B 133 -13.56 -37.39 23.90
CA ALA B 133 -14.16 -38.69 23.68
C ALA B 133 -15.70 -38.65 23.83
N GLY B 134 -16.37 -39.28 22.87
CA GLY B 134 -17.83 -39.36 22.85
C GLY B 134 -18.48 -38.17 22.14
N LEU B 135 -17.68 -37.26 21.57
CA LEU B 135 -18.20 -36.09 20.88
C LEU B 135 -18.09 -36.21 19.39
N LEU B 136 -18.97 -35.46 18.72
CA LEU B 136 -19.03 -35.38 17.28
C LEU B 136 -17.88 -34.48 16.76
N PRO B 137 -17.66 -34.44 15.43
CA PRO B 137 -16.48 -33.74 14.94
C PRO B 137 -16.46 -32.22 15.17
N ALA B 138 -17.63 -31.62 15.13
CA ALA B 138 -17.77 -30.20 15.51
C ALA B 138 -16.94 -29.23 14.63
N SER B 139 -16.85 -29.53 13.33
CA SER B 139 -16.24 -28.62 12.35
C SER B 139 -14.81 -28.21 12.75
N LEU B 140 -14.08 -29.13 13.38
CA LEU B 140 -12.75 -28.82 13.86
C LEU B 140 -11.83 -28.41 12.72
N MET B 141 -11.13 -27.30 12.90
CA MET B 141 -10.27 -26.69 11.84
C MET B 141 -9.07 -26.01 12.45
N VAL B 142 -7.92 -26.19 11.79
CA VAL B 142 -6.63 -25.71 12.25
C VAL B 142 -5.94 -24.86 11.17
N THR B 143 -5.50 -23.66 11.56
CA THR B 143 -4.78 -22.70 10.72
C THR B 143 -3.40 -22.44 11.36
N VAL B 144 -2.35 -22.44 10.55
CA VAL B 144 -0.99 -22.20 11.03
C VAL B 144 -0.46 -20.99 10.34
N GLY B 145 0.03 -20.04 11.15
CA GLY B 145 0.62 -18.84 10.64
C GLY B 145 2.02 -18.57 11.14
N ILE B 146 2.69 -17.68 10.43
CA ILE B 146 4.03 -17.30 10.70
C ILE B 146 4.15 -15.81 10.87
N GLY B 147 4.80 -15.42 11.95
CA GLY B 147 5.08 -14.03 12.22
C GLY B 147 6.36 -13.47 11.63
N GLY B 148 6.33 -12.16 11.40
CA GLY B 148 7.51 -11.44 10.90
C GLY B 148 8.73 -11.70 11.76
N SER B 149 8.54 -11.77 13.08
CA SER B 149 9.64 -11.98 14.01
C SER B 149 10.34 -13.33 13.77
N LEU B 150 9.62 -14.30 13.22
CA LEU B 150 10.26 -15.56 12.87
C LEU B 150 11.35 -15.32 11.83
N LEU B 151 11.08 -14.49 10.81
CA LEU B 151 12.08 -14.24 9.76
C LEU B 151 13.31 -13.53 10.34
N SER B 152 13.10 -12.67 11.34
CA SER B 152 14.24 -12.06 12.02
C SER B 152 15.04 -13.13 12.75
N ALA B 153 14.37 -14.07 13.44
CA ALA B 153 15.06 -15.06 14.27
C ALA B 153 15.91 -16.01 13.41
N ILE B 154 15.39 -16.34 12.23
CA ILE B 154 16.09 -17.26 11.34
C ILE B 154 16.97 -16.52 10.34
N ASP B 155 17.03 -15.19 10.45
CA ASP B 155 17.98 -14.37 9.66
C ASP B 155 17.62 -14.45 8.17
N ALA B 156 16.31 -14.26 7.89
CA ALA B 156 15.75 -14.36 6.54
C ALA B 156 14.97 -13.08 6.19
N GLU B 157 15.56 -11.92 6.46
CA GLU B 157 14.89 -10.67 6.16
C GLU B 157 14.63 -10.48 4.66
N ASP B 158 15.55 -10.91 3.81
CA ASP B 158 15.32 -10.94 2.35
C ASP B 158 14.03 -11.70 1.96
N ARG B 159 13.55 -12.60 2.82
CA ARG B 159 12.39 -13.45 2.49
C ARG B 159 11.09 -12.75 2.93
N ARG B 160 11.21 -11.66 3.67
CA ARG B 160 10.03 -10.95 4.15
C ARG B 160 9.38 -10.11 3.05
N PRO B 161 8.10 -10.40 2.69
CA PRO B 161 7.46 -9.54 1.70
C PRO B 161 7.02 -8.21 2.31
N ASP B 162 6.68 -7.26 1.46
CA ASP B 162 6.24 -5.94 1.89
C ASP B 162 5.02 -6.03 2.82
N ALA B 163 4.09 -6.91 2.48
CA ALA B 163 2.91 -7.15 3.30
C ALA B 163 3.22 -7.71 4.70
N LEU B 164 4.36 -8.37 4.89
CA LEU B 164 4.74 -8.84 6.24
C LEU B 164 5.55 -7.84 7.06
N ALA B 165 5.59 -6.57 6.64
CA ALA B 165 6.12 -5.53 7.52
C ALA B 165 5.24 -5.37 8.78
N ASP B 166 5.83 -5.07 9.93
CA ASP B 166 5.08 -4.94 11.17
C ASP B 166 3.97 -3.92 10.93
N LEU B 167 2.84 -4.10 11.62
CA LEU B 167 1.75 -3.13 11.51
C LEU B 167 2.20 -1.83 12.10
N PRO B 168 1.82 -0.70 11.46
CA PRO B 168 2.15 0.58 12.06
C PRO B 168 1.51 0.74 13.43
N GLU B 169 2.05 1.66 14.21
CA GLU B 169 1.41 2.20 15.40
C GLU B 169 0.31 3.15 14.91
N PHE B 170 -0.85 3.11 15.54
CA PHE B 170 -1.95 4.03 15.23
C PHE B 170 -2.18 4.90 16.44
N SER B 171 -2.83 6.06 16.27
CA SER B 171 -2.95 7.06 17.34
C SER B 171 -3.79 6.58 18.52
N THR B 172 -4.71 5.67 18.26
CA THR B 172 -5.60 5.15 19.30
C THR B 172 -5.06 3.90 20.00
N ASP B 173 -3.89 3.41 19.60
CA ASP B 173 -3.33 2.18 20.16
C ASP B 173 -3.21 2.24 21.68
N ASP B 174 -3.65 1.20 22.35
CA ASP B 174 -3.45 1.04 23.78
C ASP B 174 -2.88 -0.34 24.04
N LEU B 175 -1.78 -0.68 23.35
CA LEU B 175 -1.36 -2.08 23.25
C LEU B 175 -0.51 -2.58 24.44
N HIS B 176 -0.76 -3.82 24.89
CA HIS B 176 -0.05 -4.39 25.99
C HIS B 176 1.02 -5.27 25.30
N PRO B 177 2.30 -5.00 25.56
CA PRO B 177 3.35 -5.69 24.78
C PRO B 177 3.33 -7.21 24.82
N ARG B 178 2.89 -7.80 25.93
CA ARG B 178 2.82 -9.26 26.05
C ARG B 178 1.69 -9.84 25.21
N TRP B 179 0.73 -8.99 24.77
CA TRP B 179 -0.33 -9.41 23.89
C TRP B 179 -0.12 -8.99 22.44
N CYS B 180 1.11 -8.66 22.10
CA CYS B 180 1.43 -8.32 20.76
C CYS B 180 2.40 -9.35 20.15
N GLY B 181 2.27 -9.53 18.83
CA GLY B 181 3.23 -10.36 18.03
C GLY B 181 3.25 -11.86 18.26
N GLY B 182 4.38 -12.48 17.90
CA GLY B 182 4.55 -13.91 18.03
C GLY B 182 5.26 -14.43 16.82
N ASP B 183 6.16 -15.39 17.01
CA ASP B 183 6.77 -16.08 15.86
C ASP B 183 5.80 -16.94 15.01
N PHE B 184 4.79 -17.54 15.66
CA PHE B 184 3.81 -18.41 15.03
C PHE B 184 2.40 -18.16 15.56
N MET B 185 1.41 -18.60 14.80
CA MET B 185 0.06 -18.66 15.27
C MET B 185 -0.56 -19.97 14.96
N LEU B 186 -1.27 -20.50 15.93
CA LEU B 186 -2.30 -21.53 15.74
C LEU B 186 -3.66 -20.86 15.94
N GLN B 187 -4.53 -20.97 14.96
CA GLN B 187 -5.95 -20.69 15.09
C GLN B 187 -6.65 -22.02 15.02
N VAL B 188 -7.31 -22.37 16.09
CA VAL B 188 -8.03 -23.61 16.21
C VAL B 188 -9.48 -23.18 16.42
N GLY B 189 -10.38 -23.77 15.63
CA GLY B 189 -11.82 -23.61 15.72
C GLY B 189 -12.61 -24.92 15.84
N ALA B 190 -13.70 -24.86 16.58
CA ALA B 190 -14.65 -25.95 16.63
C ALA B 190 -15.98 -25.41 17.10
N GLU B 191 -17.05 -26.19 16.87
CA GLU B 191 -18.42 -25.81 17.27
C GLU B 191 -18.63 -26.19 18.74
N ASP B 192 -17.67 -26.89 19.35
CA ASP B 192 -17.75 -27.32 20.72
C ASP B 192 -16.43 -27.02 21.45
N PRO B 193 -16.54 -26.45 22.67
CA PRO B 193 -15.37 -26.06 23.46
C PRO B 193 -14.53 -27.24 23.96
N MET B 194 -15.17 -28.36 24.26
CA MET B 194 -14.43 -29.54 24.66
C MET B 194 -13.65 -30.13 23.49
N VAL B 195 -14.25 -30.17 22.31
CA VAL B 195 -13.51 -30.65 21.11
C VAL B 195 -12.34 -29.71 20.87
N LEU B 196 -12.58 -28.43 21.08
CA LEU B 196 -11.58 -27.41 20.82
C LEU B 196 -10.41 -27.47 21.78
N THR B 197 -10.67 -27.57 23.07
CA THR B 197 -9.57 -27.58 24.04
C THR B 197 -8.74 -28.88 23.79
N ALA B 198 -9.43 -29.94 23.40
CA ALA B 198 -8.71 -31.26 23.19
C ALA B 198 -7.70 -31.16 22.07
N ALA B 199 -8.14 -30.60 20.95
CA ALA B 199 -7.30 -30.36 19.81
C ALA B 199 -6.16 -29.41 20.13
N VAL B 200 -6.49 -28.28 20.76
CA VAL B 200 -5.45 -27.37 21.22
C VAL B 200 -4.37 -28.07 22.04
N GLU B 201 -4.76 -28.93 22.97
CA GLU B 201 -3.73 -29.60 23.81
C GLU B 201 -2.80 -30.40 22.92
N GLU B 202 -3.35 -31.08 21.91
CA GLU B 202 -2.49 -31.96 21.04
C GLU B 202 -1.58 -31.05 20.21
N LEU B 203 -2.11 -29.91 19.75
CA LEU B 203 -1.31 -29.04 18.89
C LEU B 203 -0.11 -28.41 19.60
N VAL B 204 -0.36 -27.84 20.76
CA VAL B 204 0.68 -27.25 21.58
C VAL B 204 1.73 -28.31 21.99
N ALA B 205 1.27 -29.49 22.38
CA ALA B 205 2.17 -30.56 22.76
C ALA B 205 3.02 -31.02 21.61
N ALA B 206 2.49 -31.00 20.40
CA ALA B 206 3.22 -31.50 19.25
C ALA B 206 4.47 -30.69 18.92
N ALA B 207 4.51 -29.44 19.39
CA ALA B 207 5.63 -28.53 19.14
C ALA B 207 6.26 -27.99 20.44
N ALA B 208 6.06 -28.73 21.52
CA ALA B 208 6.46 -28.32 22.87
C ALA B 208 7.93 -27.99 23.13
N ASP B 209 8.85 -28.80 22.61
CA ASP B 209 10.22 -28.49 22.80
C ASP B 209 10.71 -27.33 21.91
N ALA B 210 10.06 -27.08 20.79
CA ALA B 210 10.53 -26.10 19.83
C ALA B 210 9.98 -24.68 20.10
N THR B 211 8.95 -24.61 20.91
CA THR B 211 8.15 -23.37 21.01
C THR B 211 7.61 -23.16 22.38
N ALA B 212 7.05 -21.94 22.61
CA ALA B 212 6.49 -21.60 23.88
C ALA B 212 5.40 -20.52 23.61
N VAL B 213 4.32 -20.60 24.37
CA VAL B 213 3.16 -19.68 24.15
C VAL B 213 3.58 -18.31 24.59
N ARG B 214 3.21 -17.30 23.78
CA ARG B 214 3.55 -15.93 24.01
C ARG B 214 2.26 -15.25 24.57
N TRP B 215 1.18 -15.47 23.86
CA TRP B 215 -0.16 -15.08 24.35
C TRP B 215 -1.20 -15.95 23.65
N SER B 216 -2.42 -15.92 24.17
CA SER B 216 -3.55 -16.59 23.55
C SER B 216 -4.83 -16.01 24.06
N LEU B 217 -5.89 -16.31 23.33
CA LEU B 217 -7.25 -15.85 23.70
C LEU B 217 -8.29 -16.73 23.05
N ARG B 218 -9.14 -17.28 23.90
CA ARG B 218 -10.32 -17.95 23.47
C ARG B 218 -11.48 -17.00 23.12
N GLY B 219 -12.17 -17.32 22.01
CA GLY B 219 -13.41 -16.56 21.64
C GLY B 219 -14.63 -17.40 21.25
N PHE B 220 -15.79 -16.74 21.13
CA PHE B 220 -17.00 -17.44 20.79
C PHE B 220 -17.99 -16.57 20.04
N ARG B 221 -18.87 -17.24 19.32
CA ARG B 221 -20.10 -16.67 18.77
C ARG B 221 -21.25 -17.52 19.27
N ARG B 222 -22.49 -17.11 18.96
CA ARG B 222 -23.67 -17.97 19.14
C ARG B 222 -23.38 -19.34 18.60
N THR B 223 -23.81 -20.37 19.30
CA THR B 223 -23.73 -21.71 18.78
C THR B 223 -24.85 -21.86 17.78
N ALA B 224 -24.59 -22.60 16.71
CA ALA B 224 -25.64 -22.97 15.74
C ALA B 224 -26.86 -23.61 16.42
N ALA B 225 -26.60 -24.46 17.42
CA ALA B 225 -27.67 -25.13 18.15
C ALA B 225 -28.69 -24.17 18.76
N ALA B 226 -28.24 -22.99 19.15
CA ALA B 226 -29.09 -22.02 19.90
C ALA B 226 -29.59 -20.86 19.04
N ALA B 227 -29.22 -20.92 17.77
CA ALA B 227 -29.60 -19.91 16.79
C ALA B 227 -30.98 -20.19 16.17
N ARG B 228 -31.95 -19.27 16.37
CA ARG B 228 -33.23 -19.41 15.71
C ARG B 228 -33.00 -19.61 14.19
N ASP B 229 -32.06 -18.87 13.63
CA ASP B 229 -31.70 -19.00 12.23
C ASP B 229 -30.21 -19.29 12.15
N PRO B 230 -29.84 -20.57 11.99
CA PRO B 230 -28.40 -20.91 12.00
C PRO B 230 -27.58 -20.19 10.92
N ASP B 231 -28.24 -19.73 9.86
CA ASP B 231 -27.60 -18.97 8.77
C ASP B 231 -27.40 -17.50 9.06
N ALA B 232 -28.10 -16.97 10.05
CA ALA B 232 -28.07 -15.53 10.29
C ALA B 232 -26.71 -15.06 10.79
N THR B 233 -26.35 -13.84 10.37
CA THR B 233 -25.10 -13.19 10.72
C THR B 233 -24.99 -13.12 12.25
N PRO B 234 -23.87 -13.59 12.81
CA PRO B 234 -23.71 -13.54 14.26
C PRO B 234 -23.49 -12.14 14.77
N ARG B 235 -24.00 -11.89 15.97
CA ARG B 235 -23.83 -10.63 16.66
C ARG B 235 -22.63 -10.62 17.62
N ASN B 236 -22.25 -9.42 18.04
CA ASN B 236 -21.15 -9.19 18.98
C ASN B 236 -21.71 -8.75 20.34
N LEU B 237 -20.83 -8.38 21.29
CA LEU B 237 -21.23 -8.16 22.65
C LEU B 237 -21.91 -6.79 22.76
N MET B 238 -21.73 -5.93 21.75
CA MET B 238 -22.48 -4.63 21.69
C MET B 238 -23.87 -4.79 21.09
N GLY B 239 -24.23 -6.03 20.80
CA GLY B 239 -25.54 -6.37 20.29
C GLY B 239 -25.65 -6.16 18.80
N GLN B 240 -24.53 -5.90 18.12
CA GLN B 240 -24.61 -5.52 16.72
C GLN B 240 -24.44 -6.73 15.80
N ILE B 241 -25.07 -6.67 14.64
CA ILE B 241 -24.85 -7.63 13.56
C ILE B 241 -23.47 -7.37 12.95
N ASP B 242 -22.66 -8.42 12.84
CA ASP B 242 -21.24 -8.24 12.53
C ASP B 242 -20.88 -9.17 11.38
N GLY B 243 -20.53 -8.58 10.23
CA GLY B 243 -20.06 -9.33 9.05
C GLY B 243 -20.73 -8.97 7.72
N THR B 244 -21.79 -8.17 7.77
CA THR B 244 -22.62 -7.87 6.63
C THR B 244 -21.88 -7.45 5.36
N ALA B 245 -20.89 -6.56 5.46
CA ALA B 245 -20.27 -5.98 4.28
C ALA B 245 -19.09 -6.84 3.81
N ASN B 246 -18.88 -7.99 4.44
CA ASN B 246 -17.86 -8.90 3.95
C ASN B 246 -18.13 -9.32 2.50
N PRO B 247 -17.06 -9.51 1.71
CA PRO B 247 -17.33 -10.05 0.37
C PRO B 247 -17.93 -11.46 0.51
N ALA B 248 -18.92 -11.77 -0.32
CA ALA B 248 -19.61 -13.05 -0.27
C ALA B 248 -18.64 -14.14 -0.71
N GLN B 249 -18.69 -15.27 -0.02
CA GLN B 249 -17.72 -16.33 -0.23
C GLN B 249 -17.83 -17.04 -1.58
N ASP B 250 -19.01 -16.97 -2.20
CA ASP B 250 -19.26 -17.60 -3.49
C ASP B 250 -18.95 -16.67 -4.67
N HIS B 251 -18.31 -15.53 -4.40
CA HIS B 251 -18.06 -14.46 -5.39
C HIS B 251 -16.53 -14.38 -5.55
N PRO B 252 -16.02 -14.15 -6.78
CA PRO B 252 -14.60 -13.87 -6.97
C PRO B 252 -13.99 -12.82 -6.04
N LEU B 253 -14.80 -11.86 -5.60
CA LEU B 253 -14.35 -10.79 -4.72
C LEU B 253 -13.74 -11.31 -3.42
N PHE B 254 -14.32 -12.35 -2.86
CA PHE B 254 -13.76 -13.00 -1.69
C PHE B 254 -12.29 -13.38 -1.88
N ASP B 255 -11.95 -14.11 -2.93
CA ASP B 255 -10.55 -14.54 -3.15
C ASP B 255 -9.63 -13.36 -3.55
N ARG B 256 -10.16 -12.41 -4.32
CA ARG B 256 -9.39 -11.19 -4.63
C ARG B 256 -9.06 -10.40 -3.34
N THR B 257 -9.95 -10.47 -2.35
CA THR B 257 -9.79 -9.69 -1.12
C THR B 257 -8.78 -10.32 -0.19
N ILE B 258 -8.69 -11.63 -0.24
CA ILE B 258 -8.05 -12.41 0.79
C ILE B 258 -6.67 -12.89 0.39
N THR B 259 -6.45 -13.06 -0.90
CA THR B 259 -5.30 -13.82 -1.36
C THR B 259 -4.14 -12.93 -1.72
N ALA B 260 -2.96 -13.29 -1.24
CA ALA B 260 -1.70 -12.65 -1.65
C ALA B 260 -1.42 -12.85 -3.14
N ARG B 261 -1.30 -11.73 -3.85
CA ARG B 261 -0.97 -11.69 -5.27
C ARG B 261 0.43 -12.26 -5.48
N PRO B 262 0.71 -12.87 -6.66
CA PRO B 262 2.02 -13.50 -6.84
C PRO B 262 3.17 -12.52 -6.69
N ALA B 263 4.24 -12.94 -6.01
CA ALA B 263 5.40 -12.07 -5.86
C ALA B 263 6.09 -11.82 -7.21
N ASP B 264 6.55 -10.58 -7.40
CA ASP B 264 7.50 -10.26 -8.44
C ASP B 264 8.88 -10.76 -8.00
N ASN B 265 9.18 -10.59 -6.71
CA ASN B 265 10.45 -11.10 -6.14
C ASN B 265 10.35 -12.58 -5.78
N PRO B 266 11.16 -13.45 -6.42
CA PRO B 266 11.02 -14.87 -6.11
C PRO B 266 11.29 -15.24 -4.64
N ALA B 267 12.13 -14.48 -3.95
CA ALA B 267 12.37 -14.74 -2.53
C ALA B 267 11.11 -14.52 -1.67
N HIS B 268 10.10 -13.85 -2.23
CA HIS B 268 8.85 -13.58 -1.50
C HIS B 268 7.70 -14.52 -1.91
N ALA B 269 7.99 -15.45 -2.83
CA ALA B 269 6.95 -16.25 -3.48
C ALA B 269 6.39 -17.33 -2.59
N TRP B 270 7.06 -17.60 -1.47
CA TRP B 270 6.53 -18.55 -0.47
C TRP B 270 5.15 -18.08 0.03
N MET B 271 4.83 -16.79 -0.13
CA MET B 271 3.49 -16.33 0.27
C MET B 271 2.46 -16.29 -0.86
N ASP B 272 2.81 -16.75 -2.07
CA ASP B 272 1.86 -16.76 -3.19
C ASP B 272 0.64 -17.62 -2.86
N GLY B 273 -0.56 -17.06 -2.99
CA GLY B 273 -1.79 -17.79 -2.66
C GLY B 273 -2.10 -17.86 -1.15
N GLY B 274 -1.25 -17.28 -0.32
CA GLY B 274 -1.49 -17.27 1.10
C GLY B 274 -2.40 -16.08 1.43
N SER B 275 -2.59 -15.86 2.70
CA SER B 275 -3.32 -14.66 3.14
C SER B 275 -2.68 -14.15 4.40
N TYR B 276 -2.96 -12.88 4.71
CA TYR B 276 -2.41 -12.26 5.88
C TYR B 276 -3.53 -11.98 6.87
N LEU B 277 -3.30 -12.41 8.10
CA LEU B 277 -4.22 -12.17 9.19
C LEU B 277 -3.72 -11.04 10.09
N VAL B 278 -4.58 -10.05 10.33
CA VAL B 278 -4.40 -9.11 11.41
C VAL B 278 -5.40 -9.46 12.51
N VAL B 279 -4.86 -9.71 13.68
CA VAL B 279 -5.63 -9.96 14.88
C VAL B 279 -5.48 -8.79 15.84
N ARG B 280 -6.61 -8.33 16.34
CA ARG B 280 -6.67 -7.24 17.33
C ARG B 280 -7.59 -7.63 18.49
N ARG B 281 -7.09 -7.53 19.72
CA ARG B 281 -7.82 -7.80 20.92
C ARG B 281 -8.35 -6.42 21.31
N ILE B 282 -9.64 -6.28 21.17
CA ILE B 282 -10.31 -4.98 21.32
C ILE B 282 -11.34 -5.06 22.45
N ARG B 283 -11.09 -4.30 23.54
CA ARG B 283 -11.80 -4.45 24.73
C ARG B 283 -12.97 -3.47 24.46
N MET B 284 -14.14 -3.86 24.86
CA MET B 284 -15.36 -3.02 24.67
C MET B 284 -15.71 -2.39 25.98
N LEU B 285 -16.05 -1.08 25.96
CA LEU B 285 -16.44 -0.37 27.16
C LEU B 285 -17.93 -0.56 27.35
N LEU B 286 -18.29 -1.76 27.79
CA LEU B 286 -19.69 -2.15 27.74
C LEU B 286 -20.53 -1.34 28.73
N THR B 287 -19.96 -1.05 29.89
CA THR B 287 -20.66 -0.23 30.91
C THR B 287 -21.01 1.14 30.38
N GLU B 288 -20.10 1.76 29.64
CA GLU B 288 -20.40 3.05 29.03
C GLU B 288 -21.40 2.88 27.89
N TRP B 289 -21.17 1.86 27.07
CA TRP B 289 -22.02 1.55 25.89
C TRP B 289 -23.49 1.44 26.26
N ARG B 290 -23.76 0.74 27.35
CA ARG B 290 -25.12 0.48 27.71
C ARG B 290 -25.85 1.66 28.34
N LYS B 291 -25.19 2.79 28.57
CA LYS B 291 -25.87 4.04 28.97
C LYS B 291 -26.53 4.72 27.77
N LEU B 292 -26.05 4.41 26.58
CA LEU B 292 -26.63 4.96 25.35
C LEU B 292 -27.95 4.28 25.08
N ASP B 293 -28.87 5.04 24.51
CA ASP B 293 -30.12 4.46 24.03
C ASP B 293 -29.90 3.89 22.68
N VAL B 294 -30.90 3.17 22.22
CA VAL B 294 -30.77 2.41 20.99
C VAL B 294 -30.38 3.32 19.82
N ALA B 295 -30.99 4.49 19.68
CA ALA B 295 -30.72 5.34 18.53
C ALA B 295 -29.29 5.87 18.53
N ALA B 296 -28.75 6.14 19.71
CA ALA B 296 -27.42 6.70 19.80
C ALA B 296 -26.40 5.60 19.52
N ARG B 297 -26.72 4.38 19.87
CA ARG B 297 -25.84 3.21 19.56
C ARG B 297 -25.82 2.99 18.06
N GLU B 298 -26.97 3.14 17.46
CA GLU B 298 -27.11 3.03 16.02
C GLU B 298 -26.35 4.14 15.29
N ARG B 299 -26.37 5.38 15.79
CA ARG B 299 -25.54 6.41 15.12
C ARG B 299 -24.02 6.12 15.14
N VAL B 300 -23.55 5.46 16.20
CA VAL B 300 -22.11 5.16 16.32
C VAL B 300 -21.68 4.33 15.12
N ILE B 301 -22.47 3.33 14.79
CA ILE B 301 -22.11 2.37 13.72
C ILE B 301 -22.62 2.85 12.37
N GLY B 302 -23.89 3.32 12.34
CA GLY B 302 -24.55 3.72 11.11
C GLY B 302 -25.41 2.61 10.53
N ARG B 303 -25.64 1.58 11.34
CA ARG B 303 -26.59 0.51 11.03
C ARG B 303 -27.54 0.26 12.22
N ARG B 304 -28.71 -0.28 11.94
CA ARG B 304 -29.69 -0.54 12.96
C ARG B 304 -29.30 -1.79 13.75
N LEU B 305 -29.63 -1.81 15.04
CA LEU B 305 -29.34 -2.96 15.87
C LEU B 305 -30.24 -4.14 15.50
N ASP B 306 -31.53 -3.86 15.37
CA ASP B 306 -32.54 -4.90 15.11
C ASP B 306 -32.35 -5.65 13.78
N THR B 307 -32.12 -4.91 12.69
CA THR B 307 -32.08 -5.48 11.32
C THR B 307 -30.69 -5.48 10.67
N GLY B 308 -29.83 -4.60 11.15
CA GLY B 308 -28.53 -4.39 10.54
C GLY B 308 -28.63 -3.53 9.32
N ALA B 309 -29.84 -3.01 9.02
CA ALA B 309 -30.05 -2.13 7.85
C ALA B 309 -29.31 -0.84 8.09
N PRO B 310 -28.76 -0.23 7.02
CA PRO B 310 -28.16 1.08 7.19
C PRO B 310 -29.25 2.03 7.67
N LEU B 311 -28.85 3.08 8.40
CA LEU B 311 -29.83 3.99 9.00
C LEU B 311 -30.68 4.57 7.90
N GLY B 312 -32.00 4.38 7.99
CA GLY B 312 -32.96 4.84 6.98
C GLY B 312 -33.49 3.73 6.07
N SER B 313 -32.88 2.54 6.13
CA SER B 313 -33.29 1.38 5.32
C SER B 313 -34.00 0.29 6.15
N ARG B 314 -34.60 -0.65 5.43
CA ARG B 314 -35.41 -1.73 6.02
C ARG B 314 -34.64 -3.06 6.13
N ASN B 315 -33.60 -3.27 5.32
CA ASN B 315 -32.92 -4.58 5.24
C ASN B 315 -31.41 -4.56 5.49
N GLU B 316 -30.90 -5.67 6.04
CA GLU B 316 -29.47 -5.83 6.34
C GLU B 316 -28.62 -5.57 5.10
N THR B 317 -29.05 -6.15 3.98
CA THR B 317 -28.26 -6.18 2.76
C THR B 317 -28.59 -5.00 1.81
N LEU B 332 -27.89 11.15 7.09
CA LEU B 332 -28.50 10.02 7.80
C LEU B 332 -27.45 9.19 8.52
N ILE B 333 -26.44 8.73 7.78
CA ILE B 333 -25.25 8.07 8.36
C ILE B 333 -24.29 9.18 8.77
N PRO B 334 -24.03 9.34 10.08
CA PRO B 334 -23.22 10.51 10.42
C PRO B 334 -21.80 10.52 9.85
N GLU B 335 -21.21 11.71 9.86
CA GLU B 335 -19.89 11.95 9.28
C GLU B 335 -18.81 11.08 9.93
N ASN B 336 -18.99 10.76 11.21
CA ASN B 336 -18.04 9.91 11.95
C ASN B 336 -18.54 8.48 12.25
N ALA B 337 -19.59 8.05 11.55
CA ALA B 337 -20.11 6.68 11.72
C ALA B 337 -19.06 5.66 11.28
N HIS B 338 -18.91 4.61 12.07
CA HIS B 338 -17.91 3.56 11.82
C HIS B 338 -17.92 3.04 10.38
N VAL B 339 -19.07 2.65 9.87
CA VAL B 339 -19.14 2.10 8.51
C VAL B 339 -18.87 3.16 7.43
N ARG B 340 -19.17 4.43 7.70
CA ARG B 340 -18.79 5.46 6.77
C ARG B 340 -17.26 5.54 6.67
N LEU B 341 -16.58 5.62 7.80
CA LEU B 341 -15.11 5.77 7.80
C LEU B 341 -14.41 4.50 7.35
N ALA B 342 -15.04 3.35 7.59
CA ALA B 342 -14.41 2.05 7.32
C ALA B 342 -14.58 1.59 5.89
N SER B 343 -15.49 2.23 5.16
CA SER B 343 -15.89 1.79 3.82
C SER B 343 -14.71 1.75 2.85
N PRO B 344 -14.69 0.76 1.95
CA PRO B 344 -13.60 0.78 0.97
C PRO B 344 -13.57 2.08 0.17
N GLU B 345 -14.73 2.70 0.01
CA GLU B 345 -14.86 3.95 -0.76
C GLU B 345 -14.09 5.10 -0.10
N ASN B 346 -14.01 5.06 1.22
CA ASN B 346 -13.34 6.12 1.98
C ASN B 346 -11.85 5.83 2.17
N ASN B 347 -11.36 4.73 1.60
CA ASN B 347 -10.01 4.24 1.86
C ASN B 347 -9.31 3.76 0.57
N LEU B 348 -9.68 4.41 -0.54
CA LEU B 348 -9.10 4.14 -1.84
C LEU B 348 -9.17 2.65 -2.18
N GLY B 349 -10.32 2.05 -1.92
CA GLY B 349 -10.57 0.64 -2.30
C GLY B 349 -10.21 -0.44 -1.31
N ALA B 350 -9.47 -0.09 -0.25
CA ALA B 350 -9.02 -1.06 0.75
C ALA B 350 -10.19 -1.90 1.26
N ARG B 351 -9.98 -3.20 1.33
CA ARG B 351 -11.04 -4.14 1.63
C ARG B 351 -10.44 -5.35 2.36
N MET B 352 -11.24 -5.95 3.24
CA MET B 352 -10.78 -7.08 4.05
C MET B 352 -11.94 -8.03 4.30
N PHE B 353 -11.61 -9.24 4.73
CA PHE B 353 -12.63 -10.20 5.16
C PHE B 353 -12.52 -10.34 6.68
N ARG B 354 -13.57 -9.96 7.42
CA ARG B 354 -13.58 -9.92 8.89
C ARG B 354 -14.19 -11.23 9.39
N ARG B 355 -13.45 -11.93 10.26
CA ARG B 355 -13.91 -13.21 10.84
C ARG B 355 -13.57 -13.24 12.32
N GLY B 356 -14.25 -12.36 13.06
CA GLY B 356 -13.94 -12.15 14.44
C GLY B 356 -14.87 -12.88 15.39
N TYR B 357 -14.46 -12.89 16.65
CA TYR B 357 -15.13 -13.62 17.73
C TYR B 357 -15.22 -12.74 18.96
N SER B 358 -16.29 -12.92 19.73
CA SER B 358 -16.39 -12.25 21.01
C SER B 358 -15.52 -12.95 22.02
N TYR B 359 -15.05 -12.20 23.01
CA TYR B 359 -14.40 -12.73 24.19
C TYR B 359 -14.93 -12.19 25.49
N ASP B 360 -14.90 -13.06 26.48
CA ASP B 360 -15.35 -12.72 27.85
C ASP B 360 -14.38 -13.30 28.85
N GLN B 361 -13.56 -12.44 29.43
CA GLN B 361 -12.53 -12.84 30.36
C GLN B 361 -12.83 -12.17 31.72
N GLY B 362 -14.12 -11.96 31.99
CA GLY B 362 -14.59 -11.49 33.26
C GLY B 362 -14.20 -10.05 33.54
N TRP B 363 -13.59 -9.82 34.69
CA TRP B 363 -13.20 -8.49 35.13
C TRP B 363 -11.73 -8.50 35.55
N ARG B 364 -11.07 -7.38 35.37
CA ARG B 364 -9.64 -7.27 35.62
C ARG B 364 -9.50 -6.30 36.82
N ASP B 365 -8.29 -5.90 37.20
CA ASP B 365 -8.09 -4.89 38.26
C ASP B 365 -8.95 -3.64 38.09
N ASP B 366 -9.25 -3.00 39.22
CA ASP B 366 -10.08 -1.78 39.26
C ASP B 366 -11.49 -1.97 38.73
N GLY B 367 -11.89 -3.22 38.58
CA GLY B 367 -13.23 -3.57 38.15
C GLY B 367 -13.50 -3.41 36.67
N VAL B 368 -12.46 -3.26 35.86
CA VAL B 368 -12.64 -3.04 34.43
C VAL B 368 -13.13 -4.35 33.79
N ARG B 369 -14.19 -4.24 33.00
CA ARG B 369 -14.75 -5.36 32.24
C ARG B 369 -13.74 -5.77 31.17
N ASP B 370 -13.28 -7.01 31.21
CA ASP B 370 -12.35 -7.54 30.21
C ASP B 370 -13.13 -8.46 29.26
N ALA B 371 -13.82 -7.82 28.32
CA ALA B 371 -14.59 -8.47 27.29
C ALA B 371 -14.56 -7.56 26.09
N GLY B 372 -14.90 -8.08 24.95
CA GLY B 372 -14.63 -7.38 23.69
C GLY B 372 -14.77 -8.25 22.46
N LEU B 373 -14.21 -7.73 21.38
CA LEU B 373 -14.09 -8.37 20.13
C LEU B 373 -12.64 -8.80 19.88
N LEU B 374 -12.46 -10.08 19.64
CA LEU B 374 -11.24 -10.61 19.04
C LEU B 374 -11.40 -10.45 17.53
N PHE B 375 -10.89 -9.32 17.09
CA PHE B 375 -11.00 -8.87 15.74
C PHE B 375 -10.00 -9.66 14.89
N MET B 376 -10.43 -10.14 13.75
CA MET B 376 -9.57 -10.84 12.78
C MET B 376 -9.91 -10.46 11.36
N ALA B 377 -9.02 -9.75 10.69
CA ALA B 377 -9.19 -9.36 9.31
C ALA B 377 -8.20 -10.16 8.44
N TRP B 378 -8.74 -10.78 7.39
CA TRP B 378 -7.95 -11.45 6.35
C TRP B 378 -7.86 -10.59 5.07
N GLN B 379 -6.69 -10.58 4.47
CA GLN B 379 -6.42 -9.78 3.24
C GLN B 379 -5.14 -10.25 2.54
N GLY B 380 -5.05 -10.01 1.23
CA GLY B 380 -3.81 -10.24 0.51
C GLY B 380 -2.63 -9.34 0.90
N ASP B 381 -2.91 -8.12 1.34
CA ASP B 381 -1.87 -7.19 1.77
C ASP B 381 -2.48 -6.23 2.76
N PRO B 382 -1.97 -6.23 4.02
CA PRO B 382 -2.50 -5.28 5.01
C PRO B 382 -2.47 -3.81 4.58
N ALA B 383 -1.54 -3.45 3.70
CA ALA B 383 -1.45 -2.11 3.16
C ALA B 383 -2.68 -1.69 2.33
N THR B 384 -3.41 -2.66 1.79
CA THR B 384 -4.62 -2.38 1.02
C THR B 384 -5.83 -3.02 1.69
N GLY B 385 -5.68 -3.29 2.98
CA GLY B 385 -6.78 -3.78 3.82
C GLY B 385 -6.79 -3.07 5.16
N PHE B 386 -6.52 -3.80 6.22
CA PHE B 386 -6.56 -3.30 7.61
C PHE B 386 -5.89 -1.94 7.85
N ILE B 387 -4.66 -1.77 7.35
CA ILE B 387 -3.85 -0.61 7.70
C ILE B 387 -4.56 0.73 7.38
N PRO B 388 -4.85 1.01 6.09
CA PRO B 388 -5.46 2.33 5.81
C PRO B 388 -6.81 2.55 6.46
N VAL B 389 -7.60 1.48 6.60
CA VAL B 389 -8.92 1.59 7.19
C VAL B 389 -8.77 1.93 8.67
N GLN B 390 -7.87 1.22 9.34
CA GLN B 390 -7.64 1.44 10.76
C GLN B 390 -7.06 2.83 10.96
N ARG B 391 -6.22 3.29 10.02
CA ARG B 391 -5.66 4.65 10.11
C ARG B 391 -6.80 5.68 10.03
N SER B 392 -7.78 5.41 9.18
CA SER B 392 -8.91 6.32 9.03
C SER B 392 -9.74 6.37 10.32
N LEU B 393 -10.03 5.20 10.87
CA LEU B 393 -10.84 5.11 12.11
C LEU B 393 -10.17 5.85 13.25
N ALA B 394 -8.87 5.62 13.38
CA ALA B 394 -8.05 6.27 14.35
C ALA B 394 -7.99 7.79 14.20
N ASP B 395 -7.71 8.25 12.99
CA ASP B 395 -7.40 9.67 12.79
C ASP B 395 -8.62 10.52 12.48
N GLN B 396 -9.65 9.93 11.87
CA GLN B 396 -10.85 10.70 11.53
C GLN B 396 -11.92 10.63 12.60
N GLY B 397 -11.57 10.28 13.83
CA GLY B 397 -12.53 10.34 14.94
C GLY B 397 -13.75 9.45 14.80
N ASP B 398 -13.56 8.17 14.43
CA ASP B 398 -14.66 7.18 14.44
C ASP B 398 -15.42 7.26 15.76
N ALA B 399 -16.76 7.35 15.68
CA ALA B 399 -17.59 7.44 16.88
C ALA B 399 -17.43 6.21 17.77
N LEU B 400 -16.99 5.08 17.18
CA LEU B 400 -16.75 3.82 17.91
C LEU B 400 -15.56 3.88 18.86
N ASN B 401 -14.59 4.75 18.56
CA ASN B 401 -13.34 4.89 19.32
C ASN B 401 -13.51 5.08 20.80
N ARG B 402 -14.47 5.93 21.17
CA ARG B 402 -14.82 6.11 22.51
C ARG B 402 -15.21 4.89 23.31
N TYR B 403 -15.64 3.80 22.67
CA TYR B 403 -16.19 2.69 23.37
C TYR B 403 -15.33 1.43 23.24
N ILE B 404 -14.14 1.60 22.71
CA ILE B 404 -13.20 0.45 22.46
C ILE B 404 -11.76 0.77 22.76
N ARG B 405 -10.91 -0.28 23.00
CA ARG B 405 -9.51 -0.07 23.21
C ARG B 405 -8.79 -1.26 22.64
N HIS B 406 -7.89 -0.98 21.70
CA HIS B 406 -6.98 -1.99 21.05
C HIS B 406 -5.84 -2.30 22.00
N GLU B 407 -5.92 -3.45 22.67
CA GLU B 407 -4.97 -3.87 23.69
C GLU B 407 -3.97 -4.98 23.22
N GLY B 408 -4.31 -5.69 22.17
CA GLY B 408 -3.37 -6.75 21.58
C GLY B 408 -3.40 -6.65 20.09
N SER B 409 -2.35 -7.17 19.40
CA SER B 409 -2.28 -6.99 17.98
C SER B 409 -1.24 -8.00 17.50
N ALA B 410 -1.46 -8.51 16.32
CA ALA B 410 -0.42 -9.31 15.65
C ALA B 410 -0.77 -9.45 14.19
N LEU B 411 0.26 -9.68 13.38
CA LEU B 411 0.08 -9.85 11.98
C LEU B 411 0.71 -11.21 11.69
N PHE B 412 0.01 -12.07 10.98
CA PHE B 412 0.61 -13.40 10.64
C PHE B 412 0.47 -13.68 9.15
N ALA B 413 1.49 -14.32 8.59
CA ALA B 413 1.43 -14.76 7.21
C ALA B 413 0.89 -16.20 7.25
N VAL B 414 -0.13 -16.47 6.46
CA VAL B 414 -0.77 -17.78 6.47
C VAL B 414 -0.55 -18.31 5.07
N PRO B 415 0.49 -19.16 4.92
CA PRO B 415 0.81 -19.66 3.60
C PRO B 415 -0.23 -20.68 3.06
N ALA B 416 -0.30 -20.83 1.74
CA ALA B 416 -1.14 -21.87 1.12
C ALA B 416 -0.46 -23.24 1.26
N ALA B 417 -1.26 -24.26 1.56
CA ALA B 417 -0.76 -25.63 1.67
C ALA B 417 -0.27 -26.02 0.32
N ARG B 418 0.85 -26.74 0.28
CA ARG B 418 1.52 -27.12 -0.96
C ARG B 418 1.85 -28.60 -0.93
N GLU B 419 1.82 -29.23 -2.10
CA GLU B 419 1.82 -30.69 -2.21
C GLU B 419 3.18 -31.31 -1.89
N GLY B 420 3.19 -32.29 -1.00
CA GLY B 420 4.43 -32.89 -0.51
C GLY B 420 5.34 -31.92 0.23
N ARG B 421 4.77 -30.84 0.78
CA ARG B 421 5.54 -29.85 1.52
C ARG B 421 4.77 -29.54 2.80
N TYR B 422 5.47 -29.26 3.89
CA TYR B 422 4.80 -28.80 5.09
C TYR B 422 4.56 -27.31 5.00
N LEU B 423 3.68 -26.78 5.85
CA LEU B 423 3.35 -25.37 5.76
C LEU B 423 4.55 -24.48 6.04
N GLY B 424 4.90 -23.65 5.07
CA GLY B 424 6.03 -22.75 5.22
C GLY B 424 7.37 -23.36 4.86
N GLN B 425 7.37 -24.60 4.40
CA GLN B 425 8.64 -25.27 4.08
C GLN B 425 9.54 -24.48 3.11
N ASP B 426 8.95 -23.76 2.16
CA ASP B 426 9.71 -22.92 1.21
C ASP B 426 10.44 -21.79 1.90
N LEU B 427 9.79 -21.17 2.87
CA LEU B 427 10.45 -20.13 3.66
C LEU B 427 11.65 -20.66 4.46
N ILE B 428 11.47 -21.81 5.08
CA ILE B 428 12.49 -22.40 5.92
C ILE B 428 13.60 -22.99 5.03
N GLU B 429 13.18 -23.86 4.10
CA GLU B 429 14.00 -24.75 3.26
C GLU B 429 14.32 -26.08 3.97
N GLY B 430 13.54 -27.12 3.64
CA GLY B 430 13.63 -28.41 4.34
C GLY B 430 13.10 -28.33 5.77
CHA HEM C . 16.81 2.89 -19.19
CHB HEM C . 18.39 6.96 -21.29
CHC HEM C . 19.34 8.76 -16.91
CHD HEM C . 17.51 4.81 -14.81
C1A HEM C . 17.16 3.85 -20.12
C2A HEM C . 17.08 3.64 -21.52
C3A HEM C . 17.54 4.78 -22.10
C4A HEM C . 17.89 5.67 -21.09
CMA HEM C . 17.62 5.06 -23.54
CAA HEM C . 16.62 2.39 -22.22
CBA HEM C . 15.12 2.38 -22.54
CGA HEM C . 14.30 2.20 -21.30
O1A HEM C . 13.67 3.20 -20.87
O2A HEM C . 14.24 1.08 -20.73
C1B HEM C . 18.80 7.81 -20.25
C2B HEM C . 19.34 9.09 -20.45
C3B HEM C . 19.61 9.63 -19.22
C4B HEM C . 19.20 8.61 -18.26
CMB HEM C . 19.54 9.74 -21.79
CAB HEM C . 20.12 10.95 -18.82
CBB HEM C . 20.24 11.98 -19.66
C1C HEM C . 18.93 7.87 -15.96
C2C HEM C . 19.02 8.07 -14.60
C3C HEM C . 18.48 6.94 -14.00
C4C HEM C . 18.07 6.05 -15.02
CMC HEM C . 19.60 9.34 -14.00
CAC HEM C . 18.34 6.52 -12.61
CBC HEM C . 19.06 7.02 -11.66
C1D HEM C . 17.18 3.99 -15.90
C2D HEM C . 16.61 2.65 -15.69
C3D HEM C . 16.42 2.12 -16.92
C4D HEM C . 16.91 3.13 -17.86
CMD HEM C . 16.25 1.99 -14.37
CAD HEM C . 15.83 0.75 -17.22
CBD HEM C . 16.93 -0.30 -17.06
CGD HEM C . 16.36 -1.70 -17.20
O1D HEM C . 15.75 -2.26 -16.28
O2D HEM C . 16.48 -2.27 -18.30
NA HEM C . 17.67 5.10 -19.87
NB HEM C . 18.72 7.56 -18.94
NC HEM C . 18.40 6.62 -16.20
ND HEM C . 17.35 4.26 -17.23
FE HEM C . 18.07 5.81 -18.05
O1 OXY D . 15.40 7.79 -18.77
O2 OXY D . 16.08 7.23 -17.90
CHA HEM E . -18.35 -2.79 9.68
CHB HEM E . -18.40 -3.33 14.48
CHC HEM E . -13.58 -2.69 14.53
CHD HEM E . -13.50 -2.59 9.71
C1A HEM E . -18.76 -2.98 10.98
C2A HEM E . -20.09 -3.19 11.35
C3A HEM E . -20.11 -3.32 12.69
C4A HEM E . -18.78 -3.23 13.18
CMA HEM E . -21.33 -3.60 13.51
CAA HEM E . -21.32 -3.24 10.44
CBA HEM E . -21.72 -4.63 9.99
CGA HEM E . -20.72 -5.16 9.00
O1A HEM E . -19.87 -6.01 9.37
O2A HEM E . -20.70 -4.76 7.81
C1B HEM E . -17.08 -3.21 14.91
C2B HEM E . -16.72 -3.27 16.29
C3B HEM E . -15.36 -3.07 16.33
C4B HEM E . -14.92 -2.88 14.92
CMB HEM E . -17.65 -3.51 17.45
CAB HEM E . -14.43 -3.11 17.46
CBB HEM E . -14.71 -3.63 18.66
C1C HEM E . -13.10 -2.63 13.23
C2C HEM E . -11.75 -2.48 12.81
C3C HEM E . -11.73 -2.46 11.41
C4C HEM E . -13.07 -2.59 11.00
CMC HEM E . -10.60 -2.37 13.78
CAC HEM E . -10.62 -2.26 10.44
CBC HEM E . -9.44 -1.74 10.75
C1D HEM E . -14.86 -2.62 9.38
C2D HEM E . -15.26 -2.57 7.96
C3D HEM E . -16.61 -2.62 7.94
C4D HEM E . -17.03 -2.71 9.34
CMD HEM E . -14.35 -2.48 6.77
CAD HEM E . -17.48 -2.62 6.69
CBD HEM E . -17.79 -1.20 6.19
CGD HEM E . -18.52 -1.25 4.85
O1D HEM E . -17.90 -1.34 3.78
O2D HEM E . -19.77 -1.24 4.80
NA HEM E . -17.95 -2.99 12.13
NB HEM E . -15.99 -2.99 14.16
NC HEM E . -13.90 -2.65 12.11
ND HEM E . -15.96 -2.69 10.19
FE HEM E . -15.98 -2.77 12.09
O1 OXY F . -15.96 -6.62 12.83
O2 OXY F . -15.57 -5.52 12.44
#